data_7AM6
#
_entry.id   7AM6
#
_cell.length_a   105.440
_cell.length_b   105.440
_cell.length_c   192.080
_cell.angle_alpha   90.000
_cell.angle_beta   90.000
_cell.angle_gamma   90.000
#
_symmetry.space_group_name_H-M   'P 41 2 2'
#
loop_
_entity.id
_entity.type
_entity.pdbx_description
1 polymer "Subtilisin BPN'"
2 polymer "Subtilisin BPN'"
3 polymer LEU-PRO-GLU-GLY-SER-PRO-VAL-THR-ASP-LEU-ARG-TYR
4 non-polymer GLYCEROL
5 non-polymer 'D(-)-TARTARIC ACID'
6 water water
#
loop_
_entity_poly.entity_id
_entity_poly.type
_entity_poly.pdbx_seq_one_letter_code
_entity_poly.pdbx_strand_id
1 'polypeptide(L)'
;AKCVSYGVSQIKAPALHSQGYTGSNVKVAVIDSGIDSSHPDLNVAGGASFVPSETNPFQDNNSHGTHVAGTVLAVAPSAS
LYAVKVLGADGSGQYSWIINGIEWAIANNMDVINMSLGGPSGSAALKAAVDKAVASGVVVVAAAGNSGTSGSSSTVSYPA
KYPSVIAVGAVDSSNQRAPWSSVGPELDVMAPGVSICSTLPGNKYGAHSGT(CSO)PASNHVAGAAALILSKHPNWTNTQ
VRSSLENTATKLGDSFYYGKGLINVEAAAQHHHHHH
;
A,C
2 'polypeptide(L)'
;AKCVSYGVSQIKAPALHSQGYTGSNVKVAVIDSGIDSSHPDLNVAGGASFVPSETNPFQDNNSHGTHVAGTVLAVAPSAS
LYAVKVLGADGSGQYSWIINGIEWAIANNMDVINMSLGGPSGSAALKAAVDKAVASGVVVVAAAGNSGTSGSSSTVSYPA
KYPSVIAVGAVDSSNQRAPWSSVGPELDVMAPGVSICSTLPGNKYGAHSGTCPASNHVAGAAALILSKHPNWTNTQVRSS
LENTATKLGDSFYYGKGLINVEAAAQHHHHHH
;
B
3 'polypeptide(L)' LPEGSPVTLDLRY P
#
loop_
_chem_comp.id
_chem_comp.type
_chem_comp.name
_chem_comp.formula
GOL non-polymer GLYCEROL 'C3 H8 O3'
TAR non-polymer 'D(-)-TARTARIC ACID' 'C4 H6 O6'
#
# COMPACT_ATOMS: atom_id res chain seq x y z
N ALA A 1 19.50 25.99 6.96
CA ALA A 1 20.01 27.10 7.81
C ALA A 1 19.22 28.39 7.54
N LYS A 2 17.97 28.25 7.06
CA LYS A 2 16.91 29.30 6.93
C LYS A 2 16.42 29.30 5.47
N CYS A 3 15.75 28.22 5.09
CA CYS A 3 15.18 27.95 3.75
C CYS A 3 13.75 28.52 3.63
N VAL A 4 13.30 28.77 2.38
CA VAL A 4 11.85 28.82 1.93
C VAL A 4 11.58 27.65 0.97
N SER A 5 10.48 26.89 1.12
CA SER A 5 10.13 25.77 0.19
C SER A 5 9.89 26.30 -1.23
N TYR A 6 10.35 25.54 -2.25
CA TYR A 6 10.07 25.74 -3.70
C TYR A 6 8.56 25.82 -3.94
N GLY A 7 7.76 25.26 -3.02
CA GLY A 7 6.31 25.11 -3.14
C GLY A 7 5.58 26.43 -3.13
N VAL A 8 6.16 27.42 -2.46
CA VAL A 8 5.60 28.78 -2.35
C VAL A 8 5.50 29.36 -3.77
N SER A 9 6.59 29.30 -4.53
CA SER A 9 6.57 29.85 -5.92
C SER A 9 5.82 28.90 -6.87
N GLN A 10 5.71 27.62 -6.55
CA GLN A 10 5.05 26.63 -7.45
C GLN A 10 3.51 26.85 -7.47
N ILE A 11 2.93 27.27 -6.34
CA ILE A 11 1.47 27.55 -6.23
C ILE A 11 1.20 29.02 -6.62
N LYS A 12 2.25 29.74 -7.00
CA LYS A 12 2.18 31.16 -7.45
C LYS A 12 1.73 32.10 -6.31
N ALA A 13 2.08 31.81 -5.06
CA ALA A 13 1.86 32.72 -3.92
C ALA A 13 2.61 34.04 -4.11
N PRO A 14 3.85 34.08 -4.62
CA PRO A 14 4.56 35.35 -4.77
C PRO A 14 3.73 36.45 -5.43
N ALA A 15 2.89 36.09 -6.40
CA ALA A 15 2.06 37.03 -7.19
C ALA A 15 1.10 37.80 -6.26
N LEU A 16 0.61 37.16 -5.20
CA LEU A 16 -0.25 37.78 -4.14
C LEU A 16 0.60 38.63 -3.19
N HIS A 17 1.74 38.10 -2.73
CA HIS A 17 2.71 38.80 -1.85
C HIS A 17 3.05 40.17 -2.46
N SER A 18 3.21 40.23 -3.77
CA SER A 18 3.65 41.47 -4.45
C SER A 18 2.44 42.40 -4.64
N GLN A 19 1.22 41.87 -4.64
CA GLN A 19 0.00 42.72 -4.53
C GLN A 19 -0.20 43.18 -3.07
N GLY A 20 0.63 42.73 -2.11
CA GLY A 20 0.53 43.09 -0.68
C GLY A 20 -0.45 42.23 0.12
N TYR A 21 -0.76 41.00 -0.35
CA TYR A 21 -1.72 40.07 0.30
C TYR A 21 -0.94 38.89 0.92
N THR A 22 -0.92 38.78 2.26
CA THR A 22 -0.03 37.84 2.97
C THR A 22 -0.77 37.08 4.07
N GLY A 23 -2.11 37.10 4.06
CA GLY A 23 -2.93 36.34 5.01
C GLY A 23 -3.27 37.12 6.28
N SER A 24 -2.95 38.42 6.28
CA SER A 24 -3.24 39.36 7.37
C SER A 24 -4.67 39.12 7.90
N ASN A 25 -4.85 38.89 9.21
CA ASN A 25 -6.20 38.93 9.84
C ASN A 25 -6.89 37.57 9.74
N VAL A 26 -6.30 36.58 9.06
CA VAL A 26 -6.96 35.26 8.84
C VAL A 26 -6.55 34.29 9.95
N LYS A 27 -7.52 33.90 10.76
CA LYS A 27 -7.36 32.90 11.86
C LYS A 27 -7.33 31.50 11.25
N VAL A 28 -6.20 30.82 11.40
CA VAL A 28 -5.92 29.43 10.91
C VAL A 28 -5.63 28.53 12.10
N ALA A 29 -6.50 27.55 12.36
CA ALA A 29 -6.31 26.49 13.38
C ALA A 29 -5.50 25.34 12.76
N VAL A 30 -4.26 25.17 13.21
CA VAL A 30 -3.40 24.01 12.88
C VAL A 30 -3.76 22.91 13.89
N ILE A 31 -4.64 21.98 13.49
CA ILE A 31 -5.05 20.81 14.30
C ILE A 31 -4.02 19.68 14.07
N ASP A 32 -3.17 19.45 15.08
CA ASP A 32 -1.89 18.70 14.92
C ASP A 32 -1.31 18.39 16.30
N SER A 33 0.01 18.18 16.36
CA SER A 33 0.81 17.84 17.57
C SER A 33 1.21 19.10 18.36
N GLY A 34 0.72 20.30 17.99
CA GLY A 34 1.20 21.56 18.59
C GLY A 34 2.29 22.24 17.76
N ILE A 35 2.75 23.40 18.21
CA ILE A 35 3.68 24.29 17.46
C ILE A 35 4.70 24.84 18.43
N ASP A 36 6.00 24.67 18.17
CA ASP A 36 7.07 25.28 19.02
C ASP A 36 7.07 26.80 18.79
N SER A 37 6.26 27.53 19.56
CA SER A 37 6.15 28.99 19.52
C SER A 37 7.47 29.60 20.00
N SER A 38 8.45 28.82 20.44
CA SER A 38 9.82 29.31 20.78
C SER A 38 10.62 29.68 19.53
N HIS A 39 10.26 29.13 18.37
CA HIS A 39 10.95 29.36 17.08
C HIS A 39 10.88 30.85 16.74
N PRO A 40 12.00 31.55 16.51
CA PRO A 40 11.95 32.99 16.26
C PRO A 40 11.34 33.34 14.90
N ASP A 41 11.23 32.40 13.95
CA ASP A 41 10.65 32.70 12.60
C ASP A 41 9.19 32.28 12.52
N LEU A 42 8.45 32.19 13.63
CA LEU A 42 7.04 31.74 13.69
C LEU A 42 6.27 32.72 14.56
N ASN A 43 5.12 33.21 14.13
CA ASN A 43 4.18 33.86 15.09
C ASN A 43 3.02 32.87 15.36
N VAL A 44 2.81 32.54 16.61
CA VAL A 44 1.61 31.78 17.04
C VAL A 44 0.71 32.79 17.72
N ALA A 45 -0.58 32.79 17.40
CA ALA A 45 -1.61 33.74 17.90
C ALA A 45 -2.38 33.19 19.10
N GLY A 46 -2.21 31.91 19.44
CA GLY A 46 -2.80 31.27 20.63
C GLY A 46 -3.05 29.80 20.38
N GLY A 47 -3.84 29.15 21.23
CA GLY A 47 -4.11 27.72 21.09
C GLY A 47 -4.65 27.08 22.35
N ALA A 48 -4.78 25.76 22.30
CA ALA A 48 -5.47 24.91 23.29
C ALA A 48 -5.00 23.49 23.02
N SER A 49 -5.11 22.61 24.02
CA SER A 49 -4.66 21.20 23.92
C SER A 49 -5.82 20.29 24.30
N PHE A 50 -6.16 19.31 23.47
CA PHE A 50 -7.21 18.33 23.75
C PHE A 50 -6.57 16.95 23.96
N VAL A 51 -5.23 16.91 24.07
CA VAL A 51 -4.47 15.73 24.54
C VAL A 51 -4.41 15.79 26.06
N PRO A 52 -5.08 14.86 26.77
CA PRO A 52 -5.21 14.95 28.23
C PRO A 52 -3.88 14.92 28.99
N SER A 53 -2.88 14.16 28.55
CA SER A 53 -1.60 13.98 29.29
C SER A 53 -0.58 15.07 28.89
N GLU A 54 -0.88 15.87 27.87
CA GLU A 54 0.01 16.95 27.37
C GLU A 54 -0.81 18.26 27.31
N THR A 55 -0.70 19.07 28.37
CA THR A 55 -1.47 20.31 28.57
C THR A 55 -0.97 21.45 27.68
N ASN A 56 0.24 21.36 27.10
CA ASN A 56 0.94 22.50 26.45
C ASN A 56 0.87 22.35 24.93
N PRO A 57 0.01 23.13 24.25
CA PRO A 57 -0.05 23.10 22.79
C PRO A 57 1.14 23.78 22.12
N PHE A 58 1.98 24.47 22.89
CA PHE A 58 3.17 25.19 22.36
C PHE A 58 4.43 24.35 22.53
N GLN A 59 4.30 23.08 22.93
CA GLN A 59 5.44 22.14 22.95
C GLN A 59 5.23 21.00 21.96
N ASP A 60 6.11 20.97 20.96
CA ASP A 60 6.01 20.04 19.81
C ASP A 60 7.06 18.96 20.00
N ASN A 61 6.69 17.87 20.67
CA ASN A 61 7.68 16.79 21.00
C ASN A 61 7.98 15.96 19.72
N ASN A 62 7.02 15.87 18.78
CA ASN A 62 7.08 15.03 17.55
C ASN A 62 7.62 15.81 16.33
N SER A 63 7.67 17.14 16.40
CA SER A 63 8.29 18.07 15.42
C SER A 63 7.40 18.24 14.15
N HIS A 64 6.23 17.65 14.11
CA HIS A 64 5.32 17.71 12.95
C HIS A 64 4.62 19.07 12.84
N GLY A 65 3.91 19.49 13.88
CA GLY A 65 3.08 20.70 13.87
C GLY A 65 3.89 21.96 13.64
N THR A 66 5.12 22.05 14.14
CA THR A 66 6.07 23.17 13.89
C THR A 66 6.37 23.27 12.39
N HIS A 67 6.63 22.16 11.72
CA HIS A 67 6.86 22.09 10.26
C HIS A 67 5.62 22.62 9.56
N VAL A 68 4.44 22.14 9.97
CA VAL A 68 3.13 22.59 9.42
C VAL A 68 3.06 24.12 9.51
N ALA A 69 3.17 24.69 10.72
CA ALA A 69 3.09 26.16 10.96
C ALA A 69 4.00 26.90 9.96
N GLY A 70 5.25 26.49 9.85
CA GLY A 70 6.23 27.08 8.92
C GLY A 70 5.70 27.12 7.51
N THR A 71 5.18 25.99 7.00
CA THR A 71 4.76 25.88 5.58
C THR A 71 3.54 26.77 5.35
N VAL A 72 2.59 26.81 6.30
CA VAL A 72 1.39 27.71 6.23
C VAL A 72 1.87 29.17 6.16
N LEU A 73 2.82 29.54 7.02
CA LEU A 73 3.36 30.93 7.08
C LEU A 73 4.25 31.26 5.88
N ALA A 74 4.92 30.29 5.25
CA ALA A 74 5.77 30.55 4.05
C ALA A 74 4.87 31.02 2.92
N VAL A 75 3.66 30.43 2.81
CA VAL A 75 2.62 30.82 1.81
C VAL A 75 1.92 32.11 2.29
N ALA A 76 1.50 32.18 3.55
CA ALA A 76 0.73 33.30 4.13
C ALA A 76 1.44 33.86 5.36
N PRO A 77 2.52 34.66 5.17
CA PRO A 77 3.35 35.13 6.28
C PRO A 77 2.69 35.91 7.44
N SER A 78 1.63 36.70 7.20
CA SER A 78 0.99 37.49 8.29
C SER A 78 -0.31 36.81 8.77
N ALA A 79 -0.49 35.52 8.53
CA ALA A 79 -1.65 34.75 9.05
C ALA A 79 -1.51 34.56 10.58
N SER A 80 -2.61 34.56 11.31
CA SER A 80 -2.70 34.28 12.76
C SER A 80 -2.90 32.77 12.95
N LEU A 81 -1.85 32.02 13.28
CA LEU A 81 -1.92 30.55 13.47
C LEU A 81 -2.25 30.22 14.90
N TYR A 82 -3.20 29.30 15.12
CA TYR A 82 -3.54 28.80 16.46
C TYR A 82 -3.10 27.35 16.55
N ALA A 83 -2.35 27.00 17.60
CA ALA A 83 -1.86 25.62 17.84
C ALA A 83 -2.97 24.84 18.54
N VAL A 84 -3.67 23.97 17.81
CA VAL A 84 -4.75 23.16 18.43
C VAL A 84 -4.24 21.74 18.54
N LYS A 85 -3.85 21.29 19.73
CA LYS A 85 -3.11 20.01 19.86
C LYS A 85 -4.11 18.87 20.07
N VAL A 86 -4.27 17.99 19.09
CA VAL A 86 -5.13 16.78 19.25
C VAL A 86 -4.29 15.50 19.09
N LEU A 87 -2.97 15.59 18.91
CA LEU A 87 -2.08 14.39 18.74
C LEU A 87 -1.04 14.27 19.86
N GLY A 88 -0.91 13.08 20.45
CA GLY A 88 0.01 12.84 21.58
C GLY A 88 1.41 12.53 21.10
N ALA A 89 2.31 12.16 22.02
CA ALA A 89 3.72 11.77 21.71
C ALA A 89 3.76 10.61 20.71
N ASP A 90 2.80 9.68 20.76
CA ASP A 90 2.76 8.48 19.88
C ASP A 90 2.39 8.85 18.44
N GLY A 91 1.90 10.08 18.23
CA GLY A 91 1.59 10.63 16.89
C GLY A 91 0.13 10.41 16.47
N SER A 92 -0.69 9.78 17.32
CA SER A 92 -2.13 9.53 17.07
C SER A 92 -2.99 10.30 18.09
N GLY A 93 -4.29 10.45 17.82
CA GLY A 93 -5.27 11.08 18.72
C GLY A 93 -6.65 10.44 18.65
N GLN A 94 -7.37 10.31 19.77
CA GLN A 94 -8.75 9.76 19.81
C GLN A 94 -9.65 10.68 18.98
N TYR A 95 -10.74 10.16 18.41
CA TYR A 95 -11.74 10.96 17.66
C TYR A 95 -12.27 12.05 18.60
N SER A 96 -12.49 11.72 19.87
CA SER A 96 -13.08 12.70 20.84
C SER A 96 -12.16 13.92 20.94
N TRP A 97 -10.83 13.73 20.92
CA TRP A 97 -9.83 14.83 21.01
C TRP A 97 -9.86 15.68 19.74
N ILE A 98 -9.87 15.03 18.59
CA ILE A 98 -9.85 15.72 17.28
C ILE A 98 -11.13 16.54 17.17
N ILE A 99 -12.27 15.94 17.51
CA ILE A 99 -13.61 16.60 17.51
C ILE A 99 -13.56 17.77 18.48
N ASN A 100 -12.94 17.64 19.64
CA ASN A 100 -12.78 18.77 20.58
C ASN A 100 -12.04 19.92 19.86
N GLY A 101 -10.93 19.64 19.19
CA GLY A 101 -10.22 20.59 18.32
C GLY A 101 -11.14 21.28 17.32
N ILE A 102 -11.95 20.51 16.60
CA ILE A 102 -12.82 21.08 15.55
C ILE A 102 -13.87 21.98 16.22
N GLU A 103 -14.46 21.53 17.35
CA GLU A 103 -15.49 22.30 18.09
C GLU A 103 -14.87 23.61 18.59
N TRP A 104 -13.62 23.52 19.06
CA TRP A 104 -12.85 24.70 19.52
C TRP A 104 -12.71 25.69 18.36
N ALA A 105 -12.33 25.21 17.16
CA ALA A 105 -12.07 26.10 16.00
C ALA A 105 -13.35 26.86 15.65
N ILE A 106 -14.49 26.16 15.70
CA ILE A 106 -15.82 26.79 15.45
C ILE A 106 -16.09 27.87 16.52
N ALA A 107 -15.91 27.56 17.82
CA ALA A 107 -16.22 28.49 18.94
C ALA A 107 -15.31 29.72 18.95
N ASN A 108 -14.11 29.64 18.39
CA ASN A 108 -13.09 30.73 18.45
C ASN A 108 -12.89 31.38 17.08
N ASN A 109 -13.86 31.14 16.19
CA ASN A 109 -14.07 31.86 14.91
C ASN A 109 -12.83 31.78 14.03
N MET A 110 -12.24 30.58 13.93
CA MET A 110 -11.19 30.25 12.93
C MET A 110 -11.83 30.36 11.55
N ASP A 111 -11.12 30.98 10.62
CA ASP A 111 -11.50 31.13 9.19
C ASP A 111 -11.10 29.86 8.41
N VAL A 112 -9.98 29.25 8.79
CA VAL A 112 -9.37 28.04 8.14
C VAL A 112 -8.98 26.99 9.19
N ILE A 113 -9.32 25.73 8.95
CA ILE A 113 -8.84 24.59 9.77
C ILE A 113 -7.94 23.77 8.85
N ASN A 114 -6.72 23.49 9.30
CA ASN A 114 -5.73 22.65 8.59
C ASN A 114 -5.61 21.37 9.39
N MET A 115 -5.91 20.22 8.80
CA MET A 115 -5.78 18.93 9.51
C MET A 115 -4.79 18.08 8.74
N SER A 116 -3.53 18.21 9.12
CA SER A 116 -2.42 17.44 8.54
C SER A 116 -2.34 16.14 9.33
N LEU A 117 -3.45 15.41 9.36
CA LEU A 117 -3.64 14.16 10.10
C LEU A 117 -4.68 13.32 9.35
N GLY A 118 -4.64 12.00 9.54
CA GLY A 118 -5.58 11.05 8.92
C GLY A 118 -5.72 9.80 9.77
N GLY A 119 -6.74 8.97 9.54
CA GLY A 119 -6.81 7.53 9.87
C GLY A 119 -7.68 6.81 8.83
N PRO A 120 -7.62 5.47 8.79
CA PRO A 120 -8.32 4.67 7.77
C PRO A 120 -9.84 4.53 7.97
N SER A 121 -10.33 4.83 9.18
CA SER A 121 -11.76 4.83 9.59
C SER A 121 -12.24 6.25 9.91
N GLY A 122 -13.56 6.44 9.74
CA GLY A 122 -14.27 7.65 10.18
C GLY A 122 -15.06 7.38 11.44
N SER A 123 -15.92 8.31 11.80
CA SER A 123 -16.96 8.16 12.84
C SER A 123 -18.08 9.12 12.43
N ALA A 124 -19.31 8.82 12.78
CA ALA A 124 -20.46 9.72 12.56
C ALA A 124 -20.18 11.08 13.23
N ALA A 125 -19.63 11.05 14.45
CA ALA A 125 -19.30 12.23 15.29
C ALA A 125 -18.17 13.07 14.64
N LEU A 126 -17.19 12.42 14.01
CA LEU A 126 -16.09 13.10 13.29
C LEU A 126 -16.67 13.85 12.09
N LYS A 127 -17.43 13.15 11.25
CA LYS A 127 -18.08 13.72 10.04
C LYS A 127 -19.02 14.85 10.46
N ALA A 128 -19.81 14.64 11.52
CA ALA A 128 -20.75 15.64 12.05
C ALA A 128 -19.97 16.94 12.35
N ALA A 129 -18.81 16.85 13.00
CA ALA A 129 -18.03 18.02 13.45
C ALA A 129 -17.47 18.77 12.24
N VAL A 130 -16.91 18.02 11.31
CA VAL A 130 -16.24 18.60 10.11
C VAL A 130 -17.29 19.34 9.27
N ASP A 131 -18.45 18.71 9.07
CA ASP A 131 -19.61 19.27 8.31
C ASP A 131 -20.11 20.53 9.05
N LYS A 132 -20.28 20.45 10.36
CA LYS A 132 -20.72 21.60 11.20
C LYS A 132 -19.75 22.78 11.01
N ALA A 133 -18.44 22.53 11.03
CA ALA A 133 -17.42 23.57 10.77
C ALA A 133 -17.70 24.20 9.40
N VAL A 134 -17.90 23.39 8.36
CA VAL A 134 -18.03 23.94 6.98
C VAL A 134 -19.37 24.65 6.83
N ALA A 135 -20.40 24.23 7.56
CA ALA A 135 -21.71 24.88 7.58
C ALA A 135 -21.55 26.27 8.22
N SER A 136 -20.74 26.36 9.25
CA SER A 136 -20.57 27.63 10.00
C SER A 136 -19.65 28.57 9.23
N GLY A 137 -19.00 28.13 8.16
CA GLY A 137 -18.28 29.01 7.23
C GLY A 137 -16.76 28.86 7.23
N VAL A 138 -16.21 27.89 7.98
CA VAL A 138 -14.77 27.49 8.04
C VAL A 138 -14.40 26.72 6.77
N VAL A 139 -13.29 27.10 6.14
CA VAL A 139 -12.60 26.35 5.05
C VAL A 139 -11.83 25.23 5.73
N VAL A 140 -12.24 23.96 5.59
CA VAL A 140 -11.53 22.81 6.20
C VAL A 140 -10.73 22.15 5.10
N VAL A 141 -9.42 22.06 5.33
CA VAL A 141 -8.39 21.43 4.48
C VAL A 141 -7.79 20.26 5.24
N ALA A 142 -7.52 19.16 4.56
CA ALA A 142 -6.86 18.00 5.17
C ALA A 142 -5.99 17.25 4.15
N ALA A 143 -4.87 16.72 4.64
CA ALA A 143 -4.00 15.78 3.92
C ALA A 143 -4.82 14.58 3.44
N ALA A 144 -4.67 14.22 2.18
CA ALA A 144 -5.40 13.10 1.53
C ALA A 144 -4.95 11.78 2.15
N GLY A 145 -3.75 11.76 2.72
CA GLY A 145 -3.16 10.55 3.30
C GLY A 145 -1.92 10.12 2.53
N ASN A 146 -1.12 9.23 3.15
CA ASN A 146 0.20 8.74 2.66
C ASN A 146 0.12 7.23 2.45
N SER A 147 -0.99 6.73 1.92
CA SER A 147 -1.28 5.27 1.75
C SER A 147 -1.01 4.79 0.31
N GLY A 148 -0.58 5.68 -0.57
CA GLY A 148 -0.34 5.31 -1.97
C GLY A 148 -1.59 4.77 -2.66
N THR A 149 -1.40 4.16 -3.83
CA THR A 149 -2.46 3.50 -4.63
C THR A 149 -2.70 2.12 -4.08
N SER A 150 -3.91 1.61 -4.25
CA SER A 150 -4.26 0.23 -3.85
C SER A 150 -5.35 -0.27 -4.79
N GLY A 151 -4.92 -0.62 -6.01
CA GLY A 151 -5.78 -1.06 -7.12
C GLY A 151 -6.81 0.00 -7.35
N SER A 152 -8.08 -0.40 -7.31
CA SER A 152 -9.29 0.39 -7.62
C SER A 152 -9.85 1.09 -6.37
N SER A 153 -9.30 0.84 -5.19
CA SER A 153 -9.81 1.44 -3.91
C SER A 153 -9.36 2.89 -3.78
N SER A 154 -10.23 3.71 -3.22
CA SER A 154 -9.87 4.97 -2.52
C SER A 154 -8.97 4.62 -1.33
N THR A 155 -7.83 5.29 -1.20
CA THR A 155 -6.89 5.17 -0.05
C THR A 155 -6.85 6.49 0.73
N VAL A 156 -7.72 7.44 0.37
CA VAL A 156 -7.88 8.74 1.07
C VAL A 156 -8.33 8.46 2.50
N SER A 157 -7.70 9.12 3.45
CA SER A 157 -8.00 9.02 4.90
C SER A 157 -9.12 9.97 5.27
N TYR A 158 -9.72 9.68 6.42
CA TYR A 158 -10.71 10.53 7.11
C TYR A 158 -9.88 11.50 7.93
N PRO A 159 -10.24 12.79 8.09
CA PRO A 159 -11.46 13.35 7.51
C PRO A 159 -11.39 13.87 6.07
N ALA A 160 -10.28 13.74 5.35
CA ALA A 160 -10.12 14.28 3.98
C ALA A 160 -11.14 13.64 3.04
N LYS A 161 -11.52 12.41 3.34
CA LYS A 161 -12.46 11.62 2.53
C LYS A 161 -13.86 12.22 2.55
N TYR A 162 -14.22 13.00 3.55
CA TYR A 162 -15.57 13.63 3.61
C TYR A 162 -15.68 14.68 2.50
N PRO A 163 -16.83 14.74 1.76
CA PRO A 163 -17.01 15.73 0.71
C PRO A 163 -16.99 17.20 1.21
N SER A 164 -17.30 17.45 2.49
CA SER A 164 -17.27 18.81 3.09
C SER A 164 -15.82 19.34 3.26
N VAL A 165 -14.82 18.50 3.05
CA VAL A 165 -13.37 18.81 3.24
C VAL A 165 -12.63 18.88 1.91
N ILE A 166 -11.62 19.75 1.84
CA ILE A 166 -10.65 19.85 0.70
C ILE A 166 -9.51 18.85 0.91
N ALA A 167 -9.57 17.70 0.27
CA ALA A 167 -8.56 16.65 0.38
C ALA A 167 -7.40 17.00 -0.56
N VAL A 168 -6.17 17.02 -0.04
CA VAL A 168 -4.96 17.55 -0.73
C VAL A 168 -3.95 16.42 -0.86
N GLY A 169 -3.58 16.08 -2.09
CA GLY A 169 -2.50 15.12 -2.38
C GLY A 169 -1.23 15.84 -2.77
N ALA A 170 -0.11 15.12 -2.84
CA ALA A 170 1.25 15.67 -2.91
C ALA A 170 1.87 15.40 -4.28
N VAL A 171 2.36 16.45 -4.93
CA VAL A 171 3.29 16.38 -6.11
C VAL A 171 4.70 16.84 -5.69
N ASP A 172 5.68 16.59 -6.55
CA ASP A 172 7.08 17.07 -6.42
C ASP A 172 7.24 18.37 -7.24
N SER A 173 8.48 18.83 -7.48
CA SER A 173 8.80 20.09 -8.25
C SER A 173 8.41 19.95 -9.72
N SER A 174 8.15 18.73 -10.21
CA SER A 174 7.75 18.44 -11.62
C SER A 174 6.23 18.25 -11.75
N ASN A 175 5.46 18.42 -10.68
CA ASN A 175 3.98 18.19 -10.64
C ASN A 175 3.66 16.70 -10.87
N GLN A 176 4.60 15.81 -10.60
CA GLN A 176 4.42 14.33 -10.59
C GLN A 176 3.87 13.92 -9.21
N ARG A 177 2.80 13.13 -9.17
CA ARG A 177 2.25 12.55 -7.91
C ARG A 177 3.37 11.79 -7.23
N ALA A 178 3.58 12.05 -5.94
CA ALA A 178 4.48 11.28 -5.04
C ALA A 178 3.90 9.86 -4.95
N PRO A 179 4.74 8.81 -4.93
CA PRO A 179 4.18 7.46 -5.03
C PRO A 179 3.28 7.11 -3.82
N TRP A 180 3.52 7.77 -2.67
CA TRP A 180 2.85 7.47 -1.38
C TRP A 180 1.60 8.34 -1.18
N SER A 181 1.35 9.34 -2.03
CA SER A 181 0.18 10.25 -2.01
C SER A 181 -1.09 9.45 -2.27
N SER A 182 -2.05 9.52 -1.35
CA SER A 182 -3.32 8.77 -1.40
C SER A 182 -4.15 9.19 -2.62
N VAL A 183 -5.09 8.33 -3.01
CA VAL A 183 -5.82 8.45 -4.30
C VAL A 183 -7.27 8.04 -4.11
N GLY A 184 -8.13 8.45 -5.02
CA GLY A 184 -9.58 8.17 -4.92
C GLY A 184 -10.43 9.30 -5.47
N PRO A 185 -11.75 9.07 -5.61
CA PRO A 185 -12.66 10.12 -6.08
C PRO A 185 -12.76 11.29 -5.11
N GLU A 186 -12.38 11.11 -3.82
CA GLU A 186 -12.48 12.17 -2.77
C GLU A 186 -11.27 13.12 -2.81
N LEU A 187 -10.26 12.77 -3.59
CA LEU A 187 -9.08 13.65 -3.78
C LEU A 187 -9.53 14.90 -4.54
N ASP A 188 -9.23 16.08 -4.05
CA ASP A 188 -9.74 17.37 -4.59
C ASP A 188 -8.64 18.10 -5.38
N VAL A 189 -7.48 18.39 -4.78
CA VAL A 189 -6.37 19.16 -5.43
C VAL A 189 -5.03 18.63 -4.95
N MET A 190 -3.96 19.08 -5.59
CA MET A 190 -2.56 18.68 -5.27
C MET A 190 -1.79 19.94 -4.89
N ALA A 191 -0.77 19.82 -4.05
CA ALA A 191 0.20 20.90 -3.78
C ALA A 191 1.53 20.26 -3.43
N PRO A 192 2.65 21.02 -3.44
CA PRO A 192 3.98 20.45 -3.18
C PRO A 192 4.02 19.75 -1.82
N GLY A 193 4.52 18.50 -1.79
CA GLY A 193 4.67 17.70 -0.55
C GLY A 193 5.90 16.82 -0.51
N VAL A 194 6.80 16.99 -1.47
CA VAL A 194 8.08 16.23 -1.54
C VAL A 194 9.18 17.17 -1.07
N SER A 195 9.94 16.74 -0.05
CA SER A 195 11.11 17.43 0.53
C SER A 195 10.81 18.91 0.66
N ILE A 196 9.75 19.21 1.41
CA ILE A 196 9.33 20.59 1.76
C ILE A 196 10.12 21.02 3.00
N CYS A 197 10.93 22.05 2.84
CA CYS A 197 11.80 22.61 3.90
C CYS A 197 10.98 23.57 4.75
N SER A 198 11.02 23.44 6.07
CA SER A 198 10.32 24.40 6.93
C SER A 198 10.91 24.40 8.34
N THR A 199 10.24 25.09 9.25
CA THR A 199 10.67 25.32 10.65
C THR A 199 10.57 24.00 11.42
N LEU A 200 11.55 23.70 12.26
CA LEU A 200 11.52 22.56 13.21
C LEU A 200 11.86 23.07 14.61
N PRO A 201 11.48 22.35 15.69
CA PRO A 201 11.69 22.85 17.06
C PRO A 201 13.18 23.19 17.25
N GLY A 202 13.49 24.08 18.22
CA GLY A 202 14.85 24.50 18.56
C GLY A 202 15.50 25.36 17.49
N ASN A 203 14.75 26.31 16.89
CA ASN A 203 15.28 27.31 15.93
C ASN A 203 15.98 26.61 14.76
N LYS A 204 15.54 25.40 14.39
CA LYS A 204 16.09 24.57 13.29
C LYS A 204 15.18 24.66 12.06
N TYR A 205 15.65 24.15 10.95
CA TYR A 205 14.90 23.99 9.68
C TYR A 205 15.22 22.59 9.10
N GLY A 206 14.34 22.04 8.26
CA GLY A 206 14.60 20.78 7.55
C GLY A 206 13.43 20.37 6.70
N ALA A 207 13.62 19.30 5.93
CA ALA A 207 12.63 18.81 4.96
C ALA A 207 11.81 17.67 5.57
N HIS A 208 10.48 17.75 5.47
CA HIS A 208 9.53 16.62 5.67
C HIS A 208 8.95 16.28 4.29
N SER A 209 8.57 15.02 4.06
CA SER A 209 7.73 14.65 2.87
C SER A 209 6.36 14.17 3.34
N GLY A 210 5.31 14.43 2.57
CA GLY A 210 3.97 13.89 2.87
C GLY A 210 2.82 14.75 2.36
N THR A 211 1.60 14.25 2.46
CA THR A 211 0.41 15.07 2.14
C THR A 211 0.16 16.12 3.23
N CSO A 212 0.76 15.95 4.43
CA CSO A 212 0.72 16.97 5.48
CB CSO A 212 1.41 16.37 6.74
SG CSO A 212 1.12 14.60 7.24
C CSO A 212 1.27 18.31 4.92
O CSO A 212 0.55 19.31 4.80
OD CSO A 212 2.18 13.51 6.59
N PRO A 213 2.56 18.41 4.47
CA PRO A 213 3.04 19.64 3.84
C PRO A 213 2.28 20.08 2.59
N ALA A 214 1.77 19.15 1.78
CA ALA A 214 0.90 19.51 0.64
C ALA A 214 -0.29 20.34 1.14
N SER A 215 -0.96 19.86 2.18
CA SER A 215 -2.21 20.47 2.70
C SER A 215 -1.86 21.80 3.36
N ASN A 216 -0.70 21.89 4.00
CA ASN A 216 -0.18 23.13 4.60
C ASN A 216 -0.21 24.25 3.56
N HIS A 217 0.24 23.99 2.33
CA HIS A 217 0.28 24.98 1.22
C HIS A 217 -1.15 25.45 0.93
N VAL A 218 -2.10 24.54 0.90
CA VAL A 218 -3.50 24.88 0.49
C VAL A 218 -4.14 25.76 1.59
N ALA A 219 -3.92 25.43 2.87
CA ALA A 219 -4.46 26.21 4.01
C ALA A 219 -3.91 27.64 3.93
N GLY A 220 -2.59 27.76 3.74
CA GLY A 220 -1.92 29.03 3.43
C GLY A 220 -2.62 29.75 2.28
N ALA A 221 -2.88 29.06 1.17
CA ALA A 221 -3.48 29.67 -0.04
C ALA A 221 -4.88 30.23 0.29
N ALA A 222 -5.65 29.53 1.14
CA ALA A 222 -6.99 29.96 1.59
C ALA A 222 -6.87 31.28 2.35
N ALA A 223 -5.87 31.39 3.22
CA ALA A 223 -5.59 32.62 4.01
C ALA A 223 -5.19 33.75 3.06
N LEU A 224 -4.44 33.46 2.00
CA LEU A 224 -4.07 34.46 0.97
C LEU A 224 -5.31 34.91 0.22
N ILE A 225 -6.23 34.01 -0.11
CA ILE A 225 -7.46 34.37 -0.88
C ILE A 225 -8.36 35.25 -0.01
N LEU A 226 -8.50 34.95 1.29
CA LEU A 226 -9.37 35.71 2.23
C LEU A 226 -8.72 37.06 2.60
N SER A 227 -7.39 37.18 2.52
CA SER A 227 -6.65 38.47 2.63
C SER A 227 -7.23 39.47 1.66
N LYS A 228 -7.43 38.99 0.44
CA LYS A 228 -7.76 39.80 -0.77
C LYS A 228 -9.26 39.95 -0.89
N HIS A 229 -10.00 38.87 -0.67
CA HIS A 229 -11.48 38.82 -0.68
C HIS A 229 -11.98 38.44 0.70
N PRO A 230 -11.94 39.38 1.67
CA PRO A 230 -12.30 39.04 3.04
C PRO A 230 -13.80 38.70 3.15
N ASN A 231 -14.64 39.09 2.19
CA ASN A 231 -16.10 38.85 2.25
C ASN A 231 -16.49 37.58 1.47
N TRP A 232 -15.52 36.86 0.89
CA TRP A 232 -15.76 35.56 0.20
C TRP A 232 -16.10 34.50 1.26
N THR A 233 -17.04 33.62 0.95
CA THR A 233 -17.45 32.50 1.84
C THR A 233 -16.50 31.32 1.64
N ASN A 234 -16.54 30.32 2.50
CA ASN A 234 -15.70 29.12 2.35
C ASN A 234 -16.03 28.46 0.99
N THR A 235 -17.29 28.47 0.59
CA THR A 235 -17.71 27.90 -0.71
C THR A 235 -16.88 28.56 -1.81
N GLN A 236 -16.87 29.90 -1.84
CA GLN A 236 -16.17 30.69 -2.89
C GLN A 236 -14.64 30.42 -2.83
N VAL A 237 -14.03 30.47 -1.64
CA VAL A 237 -12.59 30.14 -1.47
C VAL A 237 -12.35 28.75 -2.06
N ARG A 238 -13.21 27.77 -1.75
CA ARG A 238 -13.00 26.38 -2.21
C ARG A 238 -13.18 26.30 -3.73
N SER A 239 -14.24 26.88 -4.31
CA SER A 239 -14.44 26.89 -5.79
C SER A 239 -13.23 27.52 -6.48
N SER A 240 -12.74 28.64 -5.94
CA SER A 240 -11.65 29.41 -6.57
C SER A 240 -10.45 28.48 -6.72
N LEU A 241 -10.15 27.71 -5.68
CA LEU A 241 -8.96 26.83 -5.67
C LEU A 241 -9.17 25.67 -6.66
N GLU A 242 -10.35 25.06 -6.66
CA GLU A 242 -10.65 23.85 -7.48
C GLU A 242 -10.81 24.21 -8.96
N ASN A 243 -11.45 25.34 -9.26
CA ASN A 243 -11.86 25.65 -10.66
C ASN A 243 -10.68 26.25 -11.43
N THR A 244 -9.63 26.74 -10.73
CA THR A 244 -8.48 27.43 -11.37
C THR A 244 -7.22 26.58 -11.27
N ALA A 245 -7.32 25.39 -10.66
CA ALA A 245 -6.17 24.46 -10.53
C ALA A 245 -5.61 24.15 -11.92
N THR A 246 -4.32 23.95 -12.03
CA THR A 246 -3.65 23.49 -13.26
C THR A 246 -3.88 21.99 -13.38
N LYS A 247 -4.60 21.55 -14.41
CA LYS A 247 -4.90 20.11 -14.68
C LYS A 247 -3.58 19.36 -14.81
N LEU A 248 -3.48 18.22 -14.16
CA LEU A 248 -2.32 17.28 -14.32
C LEU A 248 -2.85 15.98 -14.93
N GLY A 249 -2.60 14.84 -14.26
CA GLY A 249 -3.14 13.52 -14.64
C GLY A 249 -4.62 13.34 -14.32
N ASP A 250 -5.09 12.08 -14.35
CA ASP A 250 -6.48 11.68 -14.08
C ASP A 250 -6.88 12.21 -12.71
N SER A 251 -8.17 12.47 -12.48
CA SER A 251 -8.69 13.04 -11.21
C SER A 251 -8.66 12.01 -10.07
N PHE A 252 -8.67 10.72 -10.37
CA PHE A 252 -8.52 9.63 -9.36
C PHE A 252 -7.19 9.85 -8.63
N TYR A 253 -6.13 10.26 -9.34
CA TYR A 253 -4.73 10.30 -8.87
C TYR A 253 -4.30 11.74 -8.49
N TYR A 254 -4.86 12.76 -9.16
CA TYR A 254 -4.42 14.19 -9.06
C TYR A 254 -5.59 15.13 -8.71
N GLY A 255 -6.84 14.66 -8.67
CA GLY A 255 -8.02 15.53 -8.60
C GLY A 255 -7.93 16.63 -9.64
N LYS A 256 -8.27 17.86 -9.28
CA LYS A 256 -8.34 19.02 -10.21
C LYS A 256 -6.96 19.41 -10.70
N GLY A 257 -5.92 19.08 -9.94
CA GLY A 257 -4.51 19.34 -10.29
C GLY A 257 -3.81 20.26 -9.29
N LEU A 258 -2.75 20.92 -9.73
CA LEU A 258 -1.95 21.78 -8.85
C LEU A 258 -2.69 23.09 -8.58
N ILE A 259 -2.85 23.48 -7.31
CA ILE A 259 -3.48 24.78 -6.98
C ILE A 259 -2.62 25.91 -7.53
N ASN A 260 -3.30 26.98 -7.95
CA ASN A 260 -2.71 28.22 -8.47
C ASN A 260 -3.41 29.37 -7.75
N VAL A 261 -2.88 29.77 -6.59
CA VAL A 261 -3.53 30.81 -5.71
C VAL A 261 -3.60 32.13 -6.48
N GLU A 262 -2.75 32.34 -7.49
CA GLU A 262 -2.78 33.58 -8.32
C GLU A 262 -4.10 33.61 -9.10
N ALA A 263 -4.36 32.57 -9.87
CA ALA A 263 -5.57 32.42 -10.71
C ALA A 263 -6.80 32.37 -9.80
N ALA A 264 -6.67 31.78 -8.62
CA ALA A 264 -7.76 31.54 -7.66
C ALA A 264 -8.26 32.88 -7.10
N ALA A 265 -7.34 33.79 -6.77
CA ALA A 265 -7.64 35.10 -6.13
C ALA A 265 -8.13 36.14 -7.16
N GLN A 266 -8.24 35.77 -8.44
CA GLN A 266 -8.82 36.64 -9.52
C GLN A 266 -10.26 36.22 -9.84
N HIS A 267 -10.59 34.93 -9.66
CA HIS A 267 -11.89 34.24 -9.96
C HIS A 267 -13.11 35.06 -9.51
N ALA B 1 -29.15 -7.80 -0.81
CA ALA B 1 -30.26 -8.79 -0.54
C ALA B 1 -30.10 -9.99 -1.48
N LYS B 2 -29.83 -9.75 -2.77
CA LYS B 2 -29.77 -10.77 -3.86
C LYS B 2 -29.80 -10.06 -5.21
N CYS B 3 -28.79 -9.24 -5.46
CA CYS B 3 -28.57 -8.37 -6.66
C CYS B 3 -27.99 -9.18 -7.84
N VAL B 4 -28.26 -8.75 -9.09
CA VAL B 4 -27.55 -9.17 -10.35
C VAL B 4 -26.82 -7.93 -10.92
N SER B 5 -25.52 -8.04 -11.22
CA SER B 5 -24.72 -6.92 -11.81
C SER B 5 -25.31 -6.53 -13.17
N TYR B 6 -25.36 -5.21 -13.42
CA TYR B 6 -25.70 -4.53 -14.70
C TYR B 6 -24.84 -5.10 -15.84
N GLY B 7 -23.69 -5.71 -15.50
CA GLY B 7 -22.67 -6.18 -16.46
C GLY B 7 -23.17 -7.36 -17.26
N VAL B 8 -24.07 -8.14 -16.67
CA VAL B 8 -24.69 -9.32 -17.32
C VAL B 8 -25.42 -8.83 -18.58
N SER B 9 -26.26 -7.82 -18.42
CA SER B 9 -27.06 -7.20 -19.51
C SER B 9 -26.15 -6.44 -20.48
N GLN B 10 -25.05 -5.89 -19.99
CA GLN B 10 -24.14 -5.00 -20.77
C GLN B 10 -23.36 -5.81 -21.81
N ILE B 11 -22.97 -7.06 -21.48
CA ILE B 11 -22.22 -7.95 -22.41
C ILE B 11 -23.21 -8.75 -23.25
N LYS B 12 -24.52 -8.48 -23.07
CA LYS B 12 -25.66 -9.11 -23.81
C LYS B 12 -25.75 -10.62 -23.50
N ALA B 13 -25.42 -11.05 -22.30
CA ALA B 13 -25.65 -12.44 -21.85
C ALA B 13 -27.14 -12.83 -21.89
N PRO B 14 -28.11 -11.96 -21.49
CA PRO B 14 -29.52 -12.34 -21.52
C PRO B 14 -29.98 -13.02 -22.81
N ALA B 15 -29.45 -12.57 -23.96
CA ALA B 15 -29.82 -13.09 -25.31
C ALA B 15 -29.55 -14.62 -25.40
N LEU B 16 -28.47 -15.09 -24.77
CA LEU B 16 -28.08 -16.53 -24.67
C LEU B 16 -28.98 -17.24 -23.65
N HIS B 17 -29.19 -16.65 -22.48
CA HIS B 17 -30.05 -17.19 -21.39
C HIS B 17 -31.43 -17.55 -21.96
N SER B 18 -31.94 -16.71 -22.85
CA SER B 18 -33.31 -16.90 -23.41
C SER B 18 -33.24 -17.95 -24.52
N GLN B 19 -32.08 -18.19 -25.11
CA GLN B 19 -31.87 -19.37 -25.99
C GLN B 19 -31.68 -20.65 -25.14
N GLY B 20 -31.65 -20.55 -23.80
CA GLY B 20 -31.44 -21.68 -22.89
C GLY B 20 -29.97 -22.00 -22.61
N TYR B 21 -29.03 -21.19 -23.06
CA TYR B 21 -27.58 -21.44 -22.95
C TYR B 21 -27.06 -20.70 -21.72
N THR B 22 -26.66 -21.45 -20.68
CA THR B 22 -26.32 -20.90 -19.35
C THR B 22 -25.01 -21.52 -18.84
N GLY B 23 -24.19 -22.13 -19.69
CA GLY B 23 -22.86 -22.67 -19.33
C GLY B 23 -22.91 -24.12 -18.84
N SER B 24 -24.06 -24.80 -19.00
CA SER B 24 -24.24 -26.21 -18.58
C SER B 24 -23.04 -27.06 -19.00
N ASN B 25 -22.38 -27.72 -18.04
CA ASN B 25 -21.34 -28.76 -18.24
C ASN B 25 -19.98 -28.17 -18.64
N VAL B 26 -19.85 -26.85 -18.59
CA VAL B 26 -18.56 -26.16 -18.90
C VAL B 26 -17.77 -26.00 -17.60
N LYS B 27 -16.63 -26.68 -17.53
CA LYS B 27 -15.73 -26.70 -16.37
C LYS B 27 -14.90 -25.42 -16.37
N VAL B 28 -15.08 -24.57 -15.36
CA VAL B 28 -14.41 -23.25 -15.17
C VAL B 28 -13.66 -23.26 -13.85
N ALA B 29 -12.32 -23.22 -13.92
CA ALA B 29 -11.40 -23.16 -12.75
C ALA B 29 -11.27 -21.71 -12.32
N VAL B 30 -11.78 -21.36 -11.15
CA VAL B 30 -11.52 -20.06 -10.46
C VAL B 30 -10.21 -20.20 -9.68
N ILE B 31 -9.10 -19.75 -10.27
CA ILE B 31 -7.77 -19.71 -9.58
C ILE B 31 -7.68 -18.40 -8.75
N ASP B 32 -7.74 -18.54 -7.43
CA ASP B 32 -7.99 -17.41 -6.51
C ASP B 32 -7.76 -17.85 -5.05
N SER B 33 -8.38 -17.14 -4.10
CA SER B 33 -8.36 -17.42 -2.65
C SER B 33 -9.41 -18.48 -2.25
N GLY B 34 -10.14 -19.09 -3.19
CA GLY B 34 -11.17 -20.08 -2.82
C GLY B 34 -12.59 -19.50 -2.74
N ILE B 35 -13.61 -20.33 -2.55
CA ILE B 35 -15.04 -19.93 -2.78
C ILE B 35 -15.88 -20.43 -1.62
N ASP B 36 -16.68 -19.60 -0.98
CA ASP B 36 -17.66 -20.07 0.06
C ASP B 36 -18.77 -20.88 -0.64
N SER B 37 -18.53 -22.18 -0.81
CA SER B 37 -19.47 -23.12 -1.46
C SER B 37 -20.75 -23.22 -0.62
N SER B 38 -20.69 -22.73 0.63
CA SER B 38 -21.83 -22.83 1.59
C SER B 38 -22.89 -21.77 1.26
N HIS B 39 -22.55 -20.70 0.52
CA HIS B 39 -23.49 -19.66 0.03
C HIS B 39 -24.66 -20.34 -0.68
N PRO B 40 -25.93 -20.06 -0.31
CA PRO B 40 -27.08 -20.70 -0.95
C PRO B 40 -27.26 -20.36 -2.43
N ASP B 41 -26.65 -19.29 -2.97
CA ASP B 41 -26.82 -18.89 -4.40
C ASP B 41 -25.62 -19.32 -5.27
N LEU B 42 -24.80 -20.29 -4.84
CA LEU B 42 -23.51 -20.67 -5.49
C LEU B 42 -23.48 -22.18 -5.59
N ASN B 43 -23.19 -22.72 -6.78
CA ASN B 43 -22.99 -24.17 -6.96
C ASN B 43 -21.52 -24.34 -7.29
N VAL B 44 -20.76 -25.01 -6.45
CA VAL B 44 -19.32 -25.29 -6.75
C VAL B 44 -19.26 -26.77 -7.06
N ALA B 45 -18.58 -27.18 -8.13
CA ALA B 45 -18.49 -28.55 -8.66
C ALA B 45 -17.25 -29.31 -8.17
N GLY B 46 -16.33 -28.66 -7.44
CA GLY B 46 -15.17 -29.32 -6.84
C GLY B 46 -13.98 -28.39 -6.79
N GLY B 47 -12.78 -28.91 -6.55
CA GLY B 47 -11.63 -28.01 -6.35
C GLY B 47 -10.53 -28.66 -5.57
N ALA B 48 -9.50 -27.86 -5.30
CA ALA B 48 -8.23 -28.29 -4.68
C ALA B 48 -7.57 -27.02 -4.13
N SER B 49 -6.65 -27.20 -3.19
CA SER B 49 -5.93 -26.11 -2.48
C SER B 49 -4.46 -26.36 -2.64
N PHE B 50 -3.73 -25.37 -3.15
CA PHE B 50 -2.27 -25.45 -3.30
C PHE B 50 -1.63 -24.48 -2.32
N VAL B 51 -2.44 -23.91 -1.41
CA VAL B 51 -1.96 -23.16 -0.21
C VAL B 51 -1.76 -24.18 0.91
N PRO B 52 -0.51 -24.44 1.32
CA PRO B 52 -0.24 -25.50 2.30
C PRO B 52 -0.92 -25.33 3.67
N SER B 53 -1.06 -24.11 4.18
CA SER B 53 -1.56 -23.80 5.54
C SER B 53 -3.09 -23.65 5.52
N GLU B 54 -3.70 -23.63 4.33
CA GLU B 54 -5.17 -23.51 4.14
C GLU B 54 -5.62 -24.66 3.22
N THR B 55 -5.97 -25.81 3.81
CA THR B 55 -6.21 -27.07 3.07
C THR B 55 -7.60 -27.06 2.41
N ASN B 56 -8.50 -26.14 2.79
CA ASN B 56 -9.93 -26.12 2.38
C ASN B 56 -10.11 -25.05 1.31
N PRO B 57 -10.27 -25.43 0.02
CA PRO B 57 -10.53 -24.49 -1.05
C PRO B 57 -11.95 -23.92 -1.01
N PHE B 58 -12.82 -24.46 -0.18
CA PHE B 58 -14.24 -24.01 -0.06
C PHE B 58 -14.40 -23.06 1.14
N GLN B 59 -13.30 -22.61 1.75
CA GLN B 59 -13.32 -21.53 2.76
C GLN B 59 -12.59 -20.28 2.25
N ASP B 60 -13.34 -19.21 2.04
CA ASP B 60 -12.84 -17.95 1.46
C ASP B 60 -12.70 -16.94 2.57
N ASN B 61 -11.52 -16.86 3.17
CA ASN B 61 -11.21 -15.96 4.32
C ASN B 61 -11.24 -14.48 3.87
N ASN B 62 -10.82 -14.17 2.65
CA ASN B 62 -10.64 -12.76 2.22
C ASN B 62 -11.72 -12.33 1.21
N SER B 63 -12.65 -13.20 0.86
CA SER B 63 -13.98 -12.88 0.26
C SER B 63 -13.88 -12.60 -1.26
N HIS B 64 -12.70 -12.70 -1.84
CA HIS B 64 -12.45 -12.34 -3.25
C HIS B 64 -12.99 -13.42 -4.20
N GLY B 65 -12.55 -14.67 -4.03
CA GLY B 65 -13.00 -15.80 -4.86
C GLY B 65 -14.52 -16.03 -4.85
N THR B 66 -15.20 -15.78 -3.74
CA THR B 66 -16.67 -15.86 -3.61
C THR B 66 -17.31 -14.80 -4.52
N HIS B 67 -16.83 -13.56 -4.50
CA HIS B 67 -17.31 -12.50 -5.42
C HIS B 67 -17.10 -12.97 -6.88
N VAL B 68 -15.91 -13.50 -7.20
CA VAL B 68 -15.60 -14.02 -8.55
C VAL B 68 -16.66 -15.06 -8.95
N ALA B 69 -16.83 -16.12 -8.15
CA ALA B 69 -17.80 -17.22 -8.42
C ALA B 69 -19.16 -16.62 -8.79
N GLY B 70 -19.67 -15.71 -7.96
CA GLY B 70 -20.96 -15.03 -8.20
C GLY B 70 -21.02 -14.42 -9.59
N THR B 71 -20.01 -13.64 -9.98
CA THR B 71 -20.04 -12.87 -11.24
C THR B 71 -19.92 -13.86 -12.42
N VAL B 72 -19.10 -14.90 -12.30
CA VAL B 72 -19.01 -15.98 -13.34
C VAL B 72 -20.38 -16.64 -13.51
N LEU B 73 -21.07 -16.97 -12.42
CA LEU B 73 -22.40 -17.64 -12.44
C LEU B 73 -23.50 -16.68 -12.85
N ALA B 74 -23.40 -15.38 -12.62
CA ALA B 74 -24.43 -14.39 -13.06
C ALA B 74 -24.46 -14.36 -14.59
N VAL B 75 -23.29 -14.51 -15.22
CA VAL B 75 -23.15 -14.60 -16.70
C VAL B 75 -23.53 -16.01 -17.17
N ALA B 76 -22.99 -17.06 -16.54
CA ALA B 76 -23.20 -18.48 -16.91
C ALA B 76 -23.74 -19.27 -15.72
N PRO B 77 -25.05 -19.15 -15.40
CA PRO B 77 -25.61 -19.75 -14.19
C PRO B 77 -25.42 -21.25 -13.95
N SER B 78 -25.40 -22.10 -14.98
CA SER B 78 -25.35 -23.57 -14.81
C SER B 78 -23.93 -24.07 -15.08
N ALA B 79 -22.93 -23.20 -15.00
CA ALA B 79 -21.50 -23.56 -15.20
C ALA B 79 -21.05 -24.38 -14.00
N SER B 80 -20.14 -25.33 -14.23
CA SER B 80 -19.48 -26.11 -13.17
C SER B 80 -18.23 -25.32 -12.74
N LEU B 81 -18.28 -24.64 -11.59
CA LEU B 81 -17.15 -23.82 -11.08
C LEU B 81 -16.25 -24.72 -10.23
N TYR B 82 -14.94 -24.67 -10.42
CA TYR B 82 -13.98 -25.40 -9.56
C TYR B 82 -13.22 -24.36 -8.73
N ALA B 83 -13.21 -24.50 -7.40
CA ALA B 83 -12.46 -23.57 -6.52
C ALA B 83 -11.00 -24.05 -6.46
N VAL B 84 -10.09 -23.40 -7.17
CA VAL B 84 -8.64 -23.76 -7.15
C VAL B 84 -7.88 -22.72 -6.32
N LYS B 85 -7.53 -23.04 -5.09
CA LYS B 85 -7.03 -22.03 -4.12
C LYS B 85 -5.52 -21.98 -4.24
N VAL B 86 -4.98 -20.90 -4.79
CA VAL B 86 -3.52 -20.71 -4.93
C VAL B 86 -3.06 -19.48 -4.15
N LEU B 87 -3.98 -18.77 -3.49
CA LEU B 87 -3.75 -17.54 -2.71
C LEU B 87 -4.25 -17.79 -1.29
N GLY B 88 -3.47 -17.34 -0.29
CA GLY B 88 -3.83 -17.39 1.13
C GLY B 88 -4.79 -16.27 1.49
N ALA B 89 -5.20 -16.18 2.76
CA ALA B 89 -6.12 -15.14 3.29
C ALA B 89 -5.57 -13.73 3.00
N ASP B 90 -4.27 -13.54 3.06
CA ASP B 90 -3.56 -12.24 2.88
C ASP B 90 -3.61 -11.82 1.41
N GLY B 91 -4.01 -12.72 0.49
CA GLY B 91 -4.31 -12.38 -0.90
C GLY B 91 -3.17 -12.68 -1.84
N SER B 92 -1.98 -13.05 -1.33
CA SER B 92 -0.80 -13.38 -2.18
C SER B 92 -0.52 -14.90 -2.16
N GLY B 93 0.27 -15.40 -3.12
CA GLY B 93 0.69 -16.82 -3.19
C GLY B 93 2.03 -16.99 -3.90
N GLN B 94 2.74 -18.05 -3.61
CA GLN B 94 4.04 -18.38 -4.25
C GLN B 94 3.74 -18.73 -5.71
N TYR B 95 4.70 -18.50 -6.63
CA TYR B 95 4.59 -18.90 -8.05
C TYR B 95 4.31 -20.41 -8.08
N SER B 96 4.98 -21.17 -7.22
CA SER B 96 4.86 -22.65 -7.19
C SER B 96 3.40 -23.05 -6.95
N TRP B 97 2.67 -22.35 -6.05
CA TRP B 97 1.25 -22.65 -5.74
C TRP B 97 0.37 -22.32 -6.94
N ILE B 98 0.58 -21.18 -7.57
CA ILE B 98 -0.24 -20.71 -8.72
C ILE B 98 -0.04 -21.70 -9.87
N ILE B 99 1.21 -22.06 -10.13
CA ILE B 99 1.59 -23.03 -11.19
C ILE B 99 0.93 -24.38 -10.86
N ASN B 100 0.93 -24.80 -9.59
CA ASN B 100 0.22 -26.03 -9.19
C ASN B 100 -1.25 -25.95 -9.60
N GLY B 101 -1.93 -24.85 -9.30
CA GLY B 101 -3.31 -24.57 -9.75
C GLY B 101 -3.49 -24.71 -11.26
N ILE B 102 -2.58 -24.15 -12.04
CA ILE B 102 -2.70 -24.19 -13.51
C ILE B 102 -2.51 -25.64 -13.96
N GLU B 103 -1.52 -26.36 -13.42
CA GLU B 103 -1.23 -27.79 -13.79
C GLU B 103 -2.47 -28.62 -13.40
N TRP B 104 -3.10 -28.30 -12.27
CA TRP B 104 -4.34 -28.96 -11.80
C TRP B 104 -5.44 -28.77 -12.84
N ALA B 105 -5.64 -27.52 -13.31
CA ALA B 105 -6.71 -27.20 -14.28
C ALA B 105 -6.51 -28.04 -15.56
N ILE B 106 -5.26 -28.17 -16.00
CA ILE B 106 -4.89 -28.97 -17.19
C ILE B 106 -5.23 -30.46 -16.96
N ALA B 107 -4.83 -31.04 -15.82
CA ALA B 107 -5.02 -32.47 -15.49
C ALA B 107 -6.51 -32.82 -15.31
N ASN B 108 -7.37 -31.87 -14.95
CA ASN B 108 -8.80 -32.13 -14.61
C ASN B 108 -9.70 -31.54 -15.71
N ASN B 109 -9.11 -31.26 -16.87
CA ASN B 109 -9.78 -30.96 -18.16
C ASN B 109 -10.75 -29.79 -18.01
N MET B 110 -10.28 -28.71 -17.40
CA MET B 110 -11.00 -27.42 -17.34
C MET B 110 -11.14 -26.89 -18.77
N ASP B 111 -12.30 -26.35 -19.10
CA ASP B 111 -12.58 -25.69 -20.39
C ASP B 111 -12.09 -24.24 -20.34
N VAL B 112 -12.25 -23.60 -19.17
CA VAL B 112 -11.97 -22.16 -18.92
C VAL B 112 -11.19 -21.99 -17.61
N ILE B 113 -10.12 -21.19 -17.61
CA ILE B 113 -9.38 -20.79 -16.40
C ILE B 113 -9.61 -19.31 -16.23
N ASN B 114 -10.08 -18.88 -15.06
CA ASN B 114 -10.20 -17.45 -14.68
C ASN B 114 -9.12 -17.16 -13.64
N MET B 115 -8.21 -16.24 -13.92
CA MET B 115 -7.15 -15.88 -12.95
C MET B 115 -7.33 -14.43 -12.57
N SER B 116 -8.16 -14.22 -11.55
CA SER B 116 -8.42 -12.87 -11.01
C SER B 116 -7.33 -12.60 -9.96
N LEU B 117 -6.09 -12.57 -10.47
CA LEU B 117 -4.84 -12.34 -9.72
C LEU B 117 -3.82 -11.78 -10.71
N GLY B 118 -2.79 -11.08 -10.22
CA GLY B 118 -1.52 -10.98 -10.95
C GLY B 118 -0.43 -10.39 -10.07
N GLY B 119 0.71 -10.13 -10.67
CA GLY B 119 1.90 -9.54 -10.04
C GLY B 119 2.70 -8.76 -11.06
N PRO B 120 3.64 -7.92 -10.60
CA PRO B 120 4.45 -7.07 -11.49
C PRO B 120 5.55 -7.81 -12.28
N SER B 121 5.96 -9.00 -11.82
CA SER B 121 6.97 -9.90 -12.45
C SER B 121 6.32 -11.20 -12.89
N GLY B 122 6.92 -11.83 -13.90
CA GLY B 122 6.58 -13.19 -14.33
C GLY B 122 7.64 -14.16 -13.88
N SER B 123 7.62 -15.36 -14.43
CA SER B 123 8.64 -16.40 -14.26
C SER B 123 8.55 -17.28 -15.51
N ALA B 124 9.65 -17.93 -15.90
CA ALA B 124 9.70 -18.89 -17.02
C ALA B 124 8.66 -20.01 -16.75
N ALA B 125 8.59 -20.48 -15.51
CA ALA B 125 7.71 -21.57 -15.01
C ALA B 125 6.24 -21.12 -15.04
N LEU B 126 5.95 -19.85 -14.73
CA LEU B 126 4.56 -19.30 -14.77
C LEU B 126 4.10 -19.25 -16.24
N LYS B 127 4.92 -18.65 -17.10
CA LYS B 127 4.64 -18.55 -18.56
C LYS B 127 4.50 -19.95 -19.14
N ALA B 128 5.40 -20.85 -18.78
CA ALA B 128 5.37 -22.26 -19.27
C ALA B 128 4.00 -22.85 -18.97
N ALA B 129 3.49 -22.69 -17.76
CA ALA B 129 2.23 -23.32 -17.31
C ALA B 129 1.04 -22.72 -18.05
N VAL B 130 0.99 -21.41 -18.16
CA VAL B 130 -0.14 -20.68 -18.77
C VAL B 130 -0.24 -21.09 -20.25
N ASP B 131 0.91 -21.07 -20.94
CA ASP B 131 1.05 -21.45 -22.38
C ASP B 131 0.65 -22.93 -22.53
N LYS B 132 1.16 -23.81 -21.67
CA LYS B 132 0.81 -25.24 -21.68
C LYS B 132 -0.70 -25.41 -21.56
N ALA B 133 -1.37 -24.70 -20.65
CA ALA B 133 -2.84 -24.74 -20.52
C ALA B 133 -3.46 -24.37 -21.87
N VAL B 134 -3.01 -23.28 -22.51
CA VAL B 134 -3.66 -22.81 -23.77
C VAL B 134 -3.38 -23.78 -24.92
N ALA B 135 -2.20 -24.41 -24.92
CA ALA B 135 -1.83 -25.40 -25.93
C ALA B 135 -2.75 -26.62 -25.77
N SER B 136 -3.08 -26.99 -24.52
CA SER B 136 -3.87 -28.19 -24.21
C SER B 136 -5.36 -27.94 -24.46
N GLY B 137 -5.75 -26.70 -24.73
CA GLY B 137 -7.09 -26.35 -25.25
C GLY B 137 -7.92 -25.53 -24.28
N VAL B 138 -7.37 -25.09 -23.13
CA VAL B 138 -8.07 -24.23 -22.12
C VAL B 138 -8.08 -22.77 -22.59
N VAL B 139 -9.23 -22.10 -22.48
CA VAL B 139 -9.40 -20.64 -22.66
C VAL B 139 -8.92 -19.98 -21.37
N VAL B 140 -7.78 -19.27 -21.39
CA VAL B 140 -7.24 -18.64 -20.15
C VAL B 140 -7.55 -17.15 -20.20
N VAL B 141 -8.25 -16.69 -19.17
CA VAL B 141 -8.71 -15.29 -18.96
C VAL B 141 -8.05 -14.75 -17.69
N ALA B 142 -7.54 -13.54 -17.72
CA ALA B 142 -6.95 -12.92 -16.50
C ALA B 142 -7.23 -11.42 -16.46
N ALA B 143 -7.42 -10.90 -15.25
CA ALA B 143 -7.50 -9.44 -14.99
C ALA B 143 -6.22 -8.76 -15.51
N ALA B 144 -6.36 -7.68 -16.25
CA ALA B 144 -5.22 -6.95 -16.85
C ALA B 144 -4.41 -6.32 -15.72
N GLY B 145 -5.03 -6.08 -14.57
CA GLY B 145 -4.39 -5.39 -13.44
C GLY B 145 -5.08 -4.07 -13.12
N ASN B 146 -4.84 -3.56 -11.90
CA ASN B 146 -5.44 -2.30 -11.37
C ASN B 146 -4.33 -1.26 -11.11
N SER B 147 -3.33 -1.17 -12.02
CA SER B 147 -2.12 -0.32 -11.89
C SER B 147 -2.24 0.98 -12.68
N GLY B 148 -3.39 1.26 -13.27
CA GLY B 148 -3.63 2.50 -14.04
C GLY B 148 -2.58 2.75 -15.10
N THR B 149 -2.35 4.01 -15.41
CA THR B 149 -1.50 4.57 -16.49
C THR B 149 -0.10 4.74 -15.94
N SER B 150 0.89 4.76 -16.83
CA SER B 150 2.27 5.17 -16.53
C SER B 150 2.87 5.64 -17.84
N GLY B 151 2.48 6.83 -18.30
CA GLY B 151 2.90 7.39 -19.59
C GLY B 151 2.55 6.41 -20.68
N SER B 152 3.54 6.03 -21.50
CA SER B 152 3.39 5.16 -22.69
C SER B 152 3.67 3.68 -22.34
N SER B 153 4.05 3.38 -21.09
CA SER B 153 4.43 2.03 -20.66
C SER B 153 3.20 1.16 -20.40
N SER B 154 3.32 -0.12 -20.74
CA SER B 154 2.39 -1.19 -20.32
C SER B 154 2.38 -1.29 -18.79
N THR B 155 1.20 -1.31 -18.16
CA THR B 155 1.00 -1.54 -16.70
C THR B 155 0.26 -2.85 -16.49
N VAL B 156 0.10 -3.65 -17.54
CA VAL B 156 -0.58 -4.98 -17.47
C VAL B 156 0.28 -5.91 -16.59
N SER B 157 -0.35 -6.65 -15.70
CA SER B 157 0.30 -7.63 -14.81
C SER B 157 0.44 -8.99 -15.51
N TYR B 158 1.32 -9.82 -14.94
CA TYR B 158 1.49 -11.25 -15.23
C TYR B 158 0.45 -11.98 -14.40
N PRO B 159 -0.22 -13.05 -14.87
CA PRO B 159 0.00 -13.59 -16.22
C PRO B 159 -0.77 -12.93 -17.39
N ALA B 160 -1.57 -11.89 -17.18
CA ALA B 160 -2.43 -11.33 -18.26
C ALA B 160 -1.58 -10.81 -19.42
N LYS B 161 -0.40 -10.38 -19.11
CA LYS B 161 0.55 -9.80 -20.08
C LYS B 161 1.04 -10.84 -21.08
N TYR B 162 0.99 -12.14 -20.77
CA TYR B 162 1.42 -13.20 -21.73
C TYR B 162 0.44 -13.22 -22.91
N PRO B 163 0.93 -13.31 -24.17
CA PRO B 163 0.07 -13.30 -25.35
C PRO B 163 -0.93 -14.48 -25.43
N SER B 164 -0.62 -15.60 -24.77
CA SER B 164 -1.46 -16.82 -24.73
C SER B 164 -2.73 -16.58 -23.90
N VAL B 165 -2.83 -15.47 -23.17
CA VAL B 165 -3.92 -15.15 -22.19
C VAL B 165 -4.76 -14.00 -22.73
N ILE B 166 -6.06 -14.02 -22.39
CA ILE B 166 -7.03 -12.93 -22.68
C ILE B 166 -6.99 -11.95 -21.51
N ALA B 167 -6.30 -10.84 -21.70
CA ALA B 167 -6.12 -9.79 -20.67
C ALA B 167 -7.36 -8.91 -20.74
N VAL B 168 -8.03 -8.71 -19.60
CA VAL B 168 -9.34 -8.01 -19.51
C VAL B 168 -9.17 -6.74 -18.65
N GLY B 169 -9.46 -5.58 -19.24
CA GLY B 169 -9.59 -4.29 -18.54
C GLY B 169 -11.04 -3.95 -18.24
N ALA B 170 -11.26 -2.94 -17.42
CA ALA B 170 -12.54 -2.64 -16.77
C ALA B 170 -13.12 -1.32 -17.30
N VAL B 171 -14.39 -1.37 -17.74
CA VAL B 171 -15.26 -0.20 -18.00
C VAL B 171 -16.40 -0.13 -16.97
N ASP B 172 -17.09 1.01 -16.92
CA ASP B 172 -18.29 1.28 -16.08
C ASP B 172 -19.54 1.04 -16.94
N SER B 173 -20.72 1.44 -16.43
CA SER B 173 -22.04 1.32 -17.12
C SER B 173 -22.09 2.13 -18.41
N SER B 174 -21.20 3.11 -18.62
CA SER B 174 -21.13 3.95 -19.86
C SER B 174 -20.03 3.47 -20.82
N ASN B 175 -19.34 2.36 -20.55
CA ASN B 175 -18.21 1.83 -21.38
C ASN B 175 -17.00 2.77 -21.32
N GLN B 176 -16.89 3.59 -20.27
CA GLN B 176 -15.70 4.41 -19.94
C GLN B 176 -14.67 3.53 -19.21
N ARG B 177 -13.41 3.48 -19.67
CA ARG B 177 -12.25 2.90 -18.93
C ARG B 177 -12.27 3.49 -17.51
N ALA B 178 -12.18 2.64 -16.50
CA ALA B 178 -11.95 3.05 -15.10
C ALA B 178 -10.53 3.61 -15.03
N PRO B 179 -10.25 4.68 -14.25
CA PRO B 179 -8.90 5.28 -14.25
C PRO B 179 -7.78 4.31 -13.83
N TRP B 180 -8.10 3.25 -13.08
CA TRP B 180 -7.15 2.35 -12.40
C TRP B 180 -6.93 1.10 -13.24
N SER B 181 -7.73 0.93 -14.31
CA SER B 181 -7.66 -0.22 -15.27
C SER B 181 -6.31 -0.21 -15.97
N SER B 182 -5.53 -1.28 -15.88
CA SER B 182 -4.19 -1.39 -16.50
C SER B 182 -4.29 -1.27 -18.03
N VAL B 183 -3.18 -0.90 -18.67
CA VAL B 183 -3.16 -0.47 -20.09
C VAL B 183 -1.88 -0.97 -20.73
N GLY B 184 -1.89 -1.06 -22.05
CA GLY B 184 -0.72 -1.51 -22.83
C GLY B 184 -1.14 -2.32 -24.05
N PRO B 185 -0.17 -2.71 -24.90
CA PRO B 185 -0.50 -3.46 -26.11
C PRO B 185 -1.05 -4.86 -25.79
N GLU B 186 -0.84 -5.38 -24.55
CA GLU B 186 -1.26 -6.75 -24.14
C GLU B 186 -2.73 -6.76 -23.75
N LEU B 187 -3.32 -5.58 -23.58
CA LEU B 187 -4.74 -5.46 -23.20
C LEU B 187 -5.56 -6.00 -24.37
N ASP B 188 -6.46 -6.94 -24.14
CA ASP B 188 -7.20 -7.63 -25.24
C ASP B 188 -8.65 -7.10 -25.35
N VAL B 189 -9.41 -7.11 -24.25
CA VAL B 189 -10.84 -6.69 -24.26
C VAL B 189 -11.16 -6.01 -22.95
N MET B 190 -12.34 -5.39 -22.89
CA MET B 190 -12.90 -4.73 -21.70
C MET B 190 -14.18 -5.45 -21.31
N ALA B 191 -14.53 -5.47 -20.02
CA ALA B 191 -15.87 -5.90 -19.56
C ALA B 191 -16.21 -5.11 -18.30
N PRO B 192 -17.47 -5.12 -17.83
CA PRO B 192 -17.84 -4.30 -16.69
C PRO B 192 -17.02 -4.65 -15.45
N GLY B 193 -16.44 -3.64 -14.78
CA GLY B 193 -15.63 -3.83 -13.57
C GLY B 193 -15.80 -2.74 -12.52
N VAL B 194 -16.78 -1.86 -12.66
CA VAL B 194 -17.02 -0.76 -11.69
C VAL B 194 -18.27 -1.13 -10.93
N SER B 195 -18.16 -1.14 -9.59
CA SER B 195 -19.26 -1.39 -8.60
C SER B 195 -20.09 -2.59 -9.05
N ILE B 196 -19.43 -3.74 -9.25
CA ILE B 196 -20.07 -5.01 -9.66
C ILE B 196 -20.58 -5.71 -8.39
N CYS B 197 -21.90 -5.90 -8.30
CA CYS B 197 -22.57 -6.53 -7.14
C CYS B 197 -22.51 -8.06 -7.25
N SER B 198 -22.09 -8.77 -6.22
CA SER B 198 -22.07 -10.24 -6.30
C SER B 198 -22.06 -10.88 -4.91
N THR B 199 -21.84 -12.19 -4.84
CA THR B 199 -21.94 -13.00 -3.60
C THR B 199 -20.71 -12.72 -2.76
N LEU B 200 -20.87 -12.66 -1.44
CA LEU B 200 -19.76 -12.65 -0.45
C LEU B 200 -20.03 -13.71 0.61
N PRO B 201 -19.00 -14.16 1.36
CA PRO B 201 -19.15 -15.25 2.33
C PRO B 201 -20.25 -14.91 3.32
N GLY B 202 -20.91 -15.94 3.91
CA GLY B 202 -21.96 -15.79 4.94
C GLY B 202 -23.27 -15.26 4.37
N ASN B 203 -23.71 -15.75 3.23
CA ASN B 203 -25.04 -15.47 2.62
C ASN B 203 -25.25 -13.97 2.47
N LYS B 204 -24.18 -13.25 2.15
CA LYS B 204 -24.15 -11.78 1.91
C LYS B 204 -23.99 -11.52 0.40
N TYR B 205 -24.25 -10.26 0.02
CA TYR B 205 -23.98 -9.68 -1.32
C TYR B 205 -23.28 -8.31 -1.15
N GLY B 206 -22.61 -7.80 -2.17
CA GLY B 206 -21.86 -6.52 -2.08
C GLY B 206 -21.10 -6.21 -3.35
N ALA B 207 -20.67 -4.96 -3.51
CA ALA B 207 -20.02 -4.49 -4.75
C ALA B 207 -18.50 -4.51 -4.55
N HIS B 208 -17.73 -5.10 -5.48
CA HIS B 208 -16.25 -4.95 -5.65
C HIS B 208 -16.02 -4.19 -6.95
N SER B 209 -14.94 -3.41 -7.08
CA SER B 209 -14.52 -2.75 -8.35
C SER B 209 -13.15 -3.27 -8.74
N GLY B 210 -12.87 -3.42 -10.03
CA GLY B 210 -11.56 -3.87 -10.49
C GLY B 210 -11.59 -4.64 -11.80
N THR B 211 -10.43 -4.96 -12.36
CA THR B 211 -10.29 -5.79 -13.55
C THR B 211 -10.58 -7.24 -13.17
N CYS B 212 -10.54 -7.62 -11.90
CA CYS B 212 -10.96 -8.98 -11.47
C CYS B 212 -12.43 -9.19 -11.85
N PRO B 213 -13.41 -8.38 -11.39
CA PRO B 213 -14.79 -8.51 -11.85
C PRO B 213 -14.96 -8.37 -13.37
N ALA B 214 -14.20 -7.53 -14.03
CA ALA B 214 -14.21 -7.45 -15.51
C ALA B 214 -13.90 -8.84 -16.09
N SER B 215 -12.85 -9.51 -15.61
CA SER B 215 -12.37 -10.79 -16.18
C SER B 215 -13.37 -11.88 -15.83
N ASN B 216 -13.98 -11.81 -14.64
CA ASN B 216 -15.07 -12.73 -14.22
C ASN B 216 -16.12 -12.81 -15.34
N HIS B 217 -16.57 -11.66 -15.88
CA HIS B 217 -17.59 -11.56 -16.96
C HIS B 217 -17.11 -12.30 -18.20
N VAL B 218 -15.84 -12.16 -18.55
CA VAL B 218 -15.30 -12.76 -19.81
C VAL B 218 -15.25 -14.29 -19.65
N ALA B 219 -14.83 -14.80 -18.48
CA ALA B 219 -14.77 -16.25 -18.21
C ALA B 219 -16.18 -16.84 -18.30
N GLY B 220 -17.14 -16.19 -17.64
CA GLY B 220 -18.58 -16.47 -17.82
C GLY B 220 -18.97 -16.53 -19.29
N ALA B 221 -18.58 -15.52 -20.07
CA ALA B 221 -18.95 -15.42 -21.50
C ALA B 221 -18.40 -16.62 -22.29
N ALA B 222 -17.19 -17.08 -21.96
CA ALA B 222 -16.54 -18.23 -22.62
C ALA B 222 -17.38 -19.48 -22.35
N ALA B 223 -17.87 -19.63 -21.12
CA ALA B 223 -18.73 -20.77 -20.70
C ALA B 223 -20.07 -20.71 -21.44
N LEU B 224 -20.57 -19.50 -21.69
CA LEU B 224 -21.82 -19.32 -22.49
C LEU B 224 -21.55 -19.70 -23.93
N ILE B 225 -20.40 -19.37 -24.49
CA ILE B 225 -20.09 -19.67 -25.91
C ILE B 225 -19.94 -21.18 -26.07
N LEU B 226 -19.31 -21.87 -25.11
CA LEU B 226 -19.08 -23.36 -25.19
C LEU B 226 -20.36 -24.13 -24.85
N SER B 227 -21.31 -23.53 -24.13
CA SER B 227 -22.69 -24.05 -23.95
C SER B 227 -23.31 -24.34 -25.30
N LYS B 228 -23.16 -23.35 -26.18
CA LYS B 228 -23.89 -23.23 -27.47
C LYS B 228 -23.07 -23.93 -28.55
N HIS B 229 -21.75 -23.77 -28.56
CA HIS B 229 -20.80 -24.43 -29.49
C HIS B 229 -19.87 -25.29 -28.67
N PRO B 230 -20.33 -26.46 -28.18
CA PRO B 230 -19.51 -27.28 -27.28
C PRO B 230 -18.24 -27.80 -27.97
N ASN B 231 -18.21 -27.86 -29.30
CA ASN B 231 -17.09 -28.45 -30.09
C ASN B 231 -16.13 -27.34 -30.55
N TRP B 232 -16.37 -26.06 -30.23
CA TRP B 232 -15.45 -24.94 -30.56
C TRP B 232 -14.14 -25.08 -29.74
N THR B 233 -13.00 -24.74 -30.35
CA THR B 233 -11.66 -24.78 -29.69
C THR B 233 -11.44 -23.49 -28.90
N ASN B 234 -10.43 -23.43 -28.03
CA ASN B 234 -10.13 -22.19 -27.27
C ASN B 234 -9.81 -21.08 -28.26
N THR B 235 -9.13 -21.41 -29.37
CA THR B 235 -8.82 -20.39 -30.40
C THR B 235 -10.14 -19.74 -30.84
N GLN B 236 -11.14 -20.55 -31.23
CA GLN B 236 -12.44 -20.05 -31.75
C GLN B 236 -13.15 -19.22 -30.68
N VAL B 237 -13.24 -19.70 -29.45
CA VAL B 237 -13.86 -18.93 -28.34
C VAL B 237 -13.13 -17.58 -28.23
N ARG B 238 -11.81 -17.59 -28.25
CA ARG B 238 -11.02 -16.33 -28.12
C ARG B 238 -11.26 -15.41 -29.34
N SER B 239 -11.18 -15.90 -30.59
CA SER B 239 -11.49 -15.07 -31.77
C SER B 239 -12.89 -14.47 -31.65
N SER B 240 -13.87 -15.29 -31.28
CA SER B 240 -15.29 -14.87 -31.25
C SER B 240 -15.41 -13.64 -30.34
N LEU B 241 -14.75 -13.67 -29.20
CA LEU B 241 -14.87 -12.59 -28.20
C LEU B 241 -14.19 -11.32 -28.72
N GLU B 242 -12.99 -11.46 -29.29
CA GLU B 242 -12.16 -10.30 -29.70
C GLU B 242 -12.72 -9.67 -30.98
N ASN B 243 -13.17 -10.49 -31.93
CA ASN B 243 -13.49 -9.99 -33.29
C ASN B 243 -14.90 -9.43 -33.33
N THR B 244 -15.74 -9.67 -32.31
CA THR B 244 -17.15 -9.20 -32.28
C THR B 244 -17.34 -8.15 -31.18
N ALA B 245 -16.25 -7.78 -30.52
CA ALA B 245 -16.24 -6.74 -29.45
C ALA B 245 -16.84 -5.46 -30.00
N THR B 246 -17.52 -4.71 -29.17
CA THR B 246 -17.91 -3.32 -29.48
C THR B 246 -16.68 -2.43 -29.32
N LYS B 247 -16.20 -1.83 -30.42
CA LYS B 247 -15.05 -0.90 -30.43
C LYS B 247 -15.36 0.27 -29.50
N LEU B 248 -14.42 0.62 -28.63
CA LEU B 248 -14.49 1.85 -27.79
C LEU B 248 -13.34 2.73 -28.25
N GLY B 249 -12.48 3.16 -27.31
CA GLY B 249 -11.30 3.99 -27.59
C GLY B 249 -10.14 3.23 -28.24
N ASP B 250 -8.98 3.88 -28.29
CA ASP B 250 -7.68 3.37 -28.76
C ASP B 250 -7.40 2.04 -28.05
N SER B 251 -6.66 1.15 -28.71
CA SER B 251 -6.44 -0.24 -28.21
C SER B 251 -5.44 -0.28 -27.05
N PHE B 252 -4.59 0.74 -26.88
CA PHE B 252 -3.68 0.82 -25.72
C PHE B 252 -4.53 0.84 -24.45
N TYR B 253 -5.67 1.54 -24.48
CA TYR B 253 -6.51 1.82 -23.29
C TYR B 253 -7.70 0.85 -23.17
N TYR B 254 -8.24 0.36 -24.30
CA TYR B 254 -9.48 -0.44 -24.37
C TYR B 254 -9.28 -1.79 -25.07
N GLY B 255 -8.13 -2.07 -25.67
CA GLY B 255 -7.99 -3.20 -26.61
C GLY B 255 -9.15 -3.19 -27.62
N LYS B 256 -9.74 -4.35 -27.92
CA LYS B 256 -10.76 -4.51 -28.98
C LYS B 256 -12.05 -3.79 -28.60
N GLY B 257 -12.28 -3.62 -27.30
CA GLY B 257 -13.49 -2.97 -26.77
C GLY B 257 -14.31 -3.87 -25.86
N LEU B 258 -15.57 -3.53 -25.69
CA LEU B 258 -16.48 -4.27 -24.79
C LEU B 258 -16.86 -5.62 -25.44
N ILE B 259 -16.72 -6.73 -24.73
CA ILE B 259 -17.18 -8.04 -25.25
C ILE B 259 -18.71 -7.99 -25.45
N ASN B 260 -19.17 -8.70 -26.47
CA ASN B 260 -20.60 -8.91 -26.78
C ASN B 260 -20.82 -10.40 -26.99
N VAL B 261 -21.14 -11.13 -25.93
CA VAL B 261 -21.26 -12.62 -25.96
C VAL B 261 -22.39 -13.02 -26.93
N GLU B 262 -23.36 -12.12 -27.19
CA GLU B 262 -24.45 -12.39 -28.16
C GLU B 262 -23.83 -12.50 -29.54
N ALA B 263 -23.12 -11.47 -29.99
CA ALA B 263 -22.45 -11.39 -31.31
C ALA B 263 -21.41 -12.51 -31.41
N ALA B 264 -20.74 -12.82 -30.30
CA ALA B 264 -19.62 -13.78 -30.21
C ALA B 264 -20.12 -15.20 -30.50
N ALA B 265 -21.27 -15.58 -29.96
CA ALA B 265 -21.87 -16.94 -30.04
C ALA B 265 -22.59 -17.16 -31.38
N GLN B 266 -22.60 -16.17 -32.27
CA GLN B 266 -23.22 -16.27 -33.62
C GLN B 266 -22.11 -16.43 -34.69
N HIS B 267 -20.90 -15.90 -34.42
CA HIS B 267 -19.71 -15.72 -35.32
C HIS B 267 -19.48 -16.94 -36.25
N HIS B 268 -19.91 -16.85 -37.52
CA HIS B 268 -19.72 -17.89 -38.58
C HIS B 268 -18.29 -17.73 -39.18
N HIS B 269 -17.25 -17.84 -38.34
CA HIS B 269 -15.80 -17.62 -38.60
C HIS B 269 -15.54 -17.38 -40.09
N ALA C 1 0.34 4.20 -11.56
CA ALA C 1 1.71 3.59 -11.76
C ALA C 1 1.71 2.18 -11.15
N LYS C 2 2.64 1.33 -11.58
CA LYS C 2 3.04 0.12 -10.79
C LYS C 2 3.61 0.61 -9.45
N CYS C 3 3.97 -0.34 -8.56
CA CYS C 3 4.38 -0.08 -7.15
C CYS C 3 5.86 0.27 -7.08
N VAL C 4 6.16 1.29 -6.25
CA VAL C 4 7.44 2.03 -6.08
C VAL C 4 7.95 1.78 -4.66
N SER C 5 9.23 1.39 -4.51
CA SER C 5 9.84 1.08 -3.19
C SER C 5 10.40 2.38 -2.60
N TYR C 6 9.51 3.27 -2.11
CA TYR C 6 9.89 4.61 -1.58
C TYR C 6 10.80 4.44 -0.36
N GLY C 7 10.73 3.32 0.33
CA GLY C 7 11.45 3.08 1.61
C GLY C 7 12.95 2.96 1.42
N VAL C 8 13.33 2.50 0.25
CA VAL C 8 14.75 2.34 -0.14
C VAL C 8 15.34 3.75 -0.20
N SER C 9 14.68 4.68 -0.88
CA SER C 9 15.08 6.12 -1.01
C SER C 9 15.03 6.83 0.35
N GLN C 10 14.11 6.43 1.22
CA GLN C 10 13.80 7.10 2.51
C GLN C 10 14.95 6.90 3.50
N ILE C 11 15.57 5.72 3.48
CA ILE C 11 16.72 5.36 4.38
C ILE C 11 18.02 5.78 3.68
N LYS C 12 17.93 6.38 2.51
CA LYS C 12 19.04 6.90 1.69
C LYS C 12 19.97 5.78 1.22
N ALA C 13 19.46 4.57 0.96
CA ALA C 13 20.24 3.48 0.34
C ALA C 13 20.76 3.88 -1.05
N PRO C 14 20.01 4.59 -1.93
CA PRO C 14 20.50 4.87 -3.26
C PRO C 14 21.89 5.50 -3.30
N ALA C 15 22.19 6.35 -2.32
CA ALA C 15 23.47 7.09 -2.21
C ALA C 15 24.65 6.09 -2.15
N LEU C 16 24.45 4.94 -1.49
CA LEU C 16 25.41 3.81 -1.38
C LEU C 16 25.49 3.03 -2.69
N HIS C 17 24.32 2.69 -3.27
CA HIS C 17 24.20 1.96 -4.57
C HIS C 17 25.04 2.68 -5.61
N SER C 18 25.04 4.02 -5.59
CA SER C 18 25.71 4.81 -6.63
C SER C 18 27.21 4.90 -6.32
N GLN C 19 27.60 4.72 -5.05
CA GLN C 19 29.03 4.50 -4.70
C GLN C 19 29.46 3.05 -5.03
N GLY C 20 28.55 2.19 -5.48
CA GLY C 20 28.86 0.79 -5.89
C GLY C 20 28.80 -0.19 -4.74
N TYR C 21 28.09 0.17 -3.66
CA TYR C 21 27.96 -0.66 -2.43
C TYR C 21 26.54 -1.24 -2.38
N THR C 22 26.42 -2.57 -2.48
CA THR C 22 25.13 -3.25 -2.76
C THR C 22 24.88 -4.42 -1.81
N GLY C 23 25.77 -4.60 -0.83
CA GLY C 23 25.78 -5.77 0.05
C GLY C 23 26.54 -6.93 -0.57
N SER C 24 27.27 -6.73 -1.66
CA SER C 24 28.10 -7.78 -2.32
C SER C 24 28.89 -8.54 -1.25
N ASN C 25 28.77 -9.87 -1.18
CA ASN C 25 29.63 -10.75 -0.35
C ASN C 25 29.23 -10.74 1.13
N VAL C 26 28.15 -10.06 1.49
CA VAL C 26 27.65 -9.99 2.89
C VAL C 26 26.61 -11.10 3.09
N LYS C 27 26.95 -12.04 3.96
CA LYS C 27 26.13 -13.20 4.31
C LYS C 27 25.04 -12.74 5.28
N VAL C 28 23.77 -12.83 4.86
CA VAL C 28 22.57 -12.43 5.64
C VAL C 28 21.69 -13.67 5.81
N ALA C 29 21.52 -14.14 7.05
CA ALA C 29 20.54 -15.16 7.44
C ALA C 29 19.14 -14.52 7.51
N VAL C 30 18.24 -14.92 6.62
CA VAL C 30 16.77 -14.71 6.79
C VAL C 30 16.26 -15.88 7.67
N ILE C 31 16.16 -15.66 8.97
CA ILE C 31 15.60 -16.66 9.93
C ILE C 31 14.06 -16.49 9.94
N ASP C 32 13.36 -17.40 9.28
CA ASP C 32 11.94 -17.20 8.89
C ASP C 32 11.34 -18.53 8.45
N SER C 33 10.29 -18.48 7.62
CA SER C 33 9.58 -19.67 7.07
C SER C 33 10.23 -20.19 5.78
N GLY C 34 11.43 -19.75 5.44
CA GLY C 34 12.20 -20.26 4.28
C GLY C 34 12.20 -19.25 3.16
N ILE C 35 12.84 -19.55 2.03
CA ILE C 35 12.82 -18.68 0.82
C ILE C 35 12.58 -19.53 -0.42
N ASP C 36 11.47 -19.28 -1.13
CA ASP C 36 10.98 -20.28 -2.12
C ASP C 36 11.77 -20.13 -3.43
N SER C 37 12.32 -21.23 -3.95
CA SER C 37 13.13 -21.25 -5.18
C SER C 37 12.26 -20.83 -6.37
N SER C 38 10.93 -20.89 -6.21
CA SER C 38 10.00 -20.58 -7.33
C SER C 38 9.90 -19.06 -7.52
N HIS C 39 10.25 -18.23 -6.53
CA HIS C 39 10.49 -16.78 -6.77
C HIS C 39 11.79 -16.66 -7.56
N PRO C 40 11.81 -16.00 -8.75
CA PRO C 40 13.07 -15.83 -9.46
C PRO C 40 13.85 -14.69 -8.78
N ASP C 41 15.18 -14.66 -8.88
CA ASP C 41 15.99 -13.44 -8.58
C ASP C 41 15.93 -13.11 -7.10
N LEU C 42 16.19 -14.10 -6.25
CA LEU C 42 16.32 -13.91 -4.78
C LEU C 42 17.72 -14.29 -4.28
N ASN C 43 18.68 -14.56 -5.17
CA ASN C 43 20.11 -14.54 -4.77
C ASN C 43 20.33 -15.46 -3.56
N VAL C 44 19.62 -16.58 -3.51
CA VAL C 44 19.75 -17.48 -2.33
C VAL C 44 21.06 -18.24 -2.52
N ALA C 45 21.96 -18.11 -1.54
CA ALA C 45 23.33 -18.67 -1.56
C ALA C 45 23.42 -19.95 -0.72
N GLY C 46 22.34 -20.37 -0.06
CA GLY C 46 22.30 -21.61 0.77
C GLY C 46 21.35 -21.47 1.94
N GLY C 47 21.40 -22.38 2.90
CA GLY C 47 20.57 -22.36 4.12
C GLY C 47 20.35 -23.75 4.67
N ALA C 48 19.45 -23.87 5.63
CA ALA C 48 19.13 -25.11 6.38
C ALA C 48 17.75 -24.95 7.02
N SER C 49 17.14 -26.06 7.44
CA SER C 49 15.76 -26.12 7.98
C SER C 49 15.81 -26.78 9.34
N PHE C 50 15.25 -26.13 10.35
CA PHE C 50 15.17 -26.66 11.73
C PHE C 50 13.70 -26.91 12.08
N VAL C 51 12.85 -26.89 11.05
CA VAL C 51 11.44 -27.38 11.11
C VAL C 51 11.48 -28.87 10.83
N PRO C 52 11.15 -29.71 11.83
CA PRO C 52 11.32 -31.16 11.67
C PRO C 52 10.49 -31.80 10.55
N SER C 53 9.27 -31.32 10.28
CA SER C 53 8.34 -31.91 9.28
C SER C 53 8.59 -31.32 7.87
N GLU C 54 9.43 -30.28 7.77
CA GLU C 54 9.72 -29.57 6.49
C GLU C 54 11.25 -29.47 6.34
N THR C 55 11.85 -30.44 5.64
CA THR C 55 13.33 -30.58 5.53
C THR C 55 13.95 -29.55 4.57
N ASN C 56 13.15 -28.91 3.71
CA ASN C 56 13.63 -28.09 2.54
C ASN C 56 13.50 -26.62 2.92
N PRO C 57 14.61 -25.91 3.19
CA PRO C 57 14.55 -24.49 3.49
C PRO C 57 14.27 -23.62 2.25
N PHE C 58 14.29 -24.21 1.05
CA PHE C 58 14.03 -23.48 -0.21
C PHE C 58 12.58 -23.68 -0.64
N GLN C 59 11.75 -24.32 0.20
CA GLN C 59 10.27 -24.35 0.02
C GLN C 59 9.64 -23.56 1.17
N ASP C 60 9.05 -22.40 0.85
CA ASP C 60 8.38 -21.51 1.82
C ASP C 60 6.88 -21.75 1.71
N ASN C 61 6.38 -22.66 2.55
CA ASN C 61 4.98 -23.11 2.51
C ASN C 61 4.09 -22.01 3.10
N ASN C 62 4.67 -20.92 3.61
CA ASN C 62 3.88 -19.86 4.30
C ASN C 62 3.73 -18.63 3.41
N SER C 63 4.87 -18.26 2.83
CA SER C 63 5.13 -17.13 1.89
C SER C 63 5.86 -15.95 2.58
N HIS C 64 6.03 -15.99 3.91
CA HIS C 64 6.49 -14.80 4.69
C HIS C 64 7.99 -14.57 4.46
N GLY C 65 8.83 -15.59 4.63
CA GLY C 65 10.29 -15.52 4.38
C GLY C 65 10.63 -15.03 2.99
N THR C 66 9.84 -15.46 1.99
CA THR C 66 10.01 -15.06 0.58
C THR C 66 9.84 -13.53 0.46
N HIS C 67 8.80 -12.98 1.05
CA HIS C 67 8.51 -11.52 1.02
C HIS C 67 9.68 -10.79 1.69
N VAL C 68 10.14 -11.31 2.84
CA VAL C 68 11.28 -10.71 3.58
C VAL C 68 12.51 -10.63 2.66
N ALA C 69 12.92 -11.74 2.06
CA ALA C 69 14.07 -11.80 1.12
C ALA C 69 13.99 -10.64 0.11
N GLY C 70 12.85 -10.47 -0.57
CA GLY C 70 12.63 -9.37 -1.53
C GLY C 70 12.95 -8.00 -0.92
N THR C 71 12.44 -7.71 0.27
CA THR C 71 12.59 -6.38 0.91
C THR C 71 14.06 -6.18 1.31
N VAL C 72 14.74 -7.21 1.81
CA VAL C 72 16.20 -7.15 2.15
C VAL C 72 16.99 -6.83 0.87
N LEU C 73 16.66 -7.49 -0.25
CA LEU C 73 17.36 -7.30 -1.54
C LEU C 73 17.04 -5.94 -2.16
N ALA C 74 15.86 -5.35 -1.92
CA ALA C 74 15.53 -4.00 -2.43
C ALA C 74 16.54 -2.98 -1.85
N VAL C 75 16.90 -3.11 -0.58
CA VAL C 75 17.91 -2.23 0.10
C VAL C 75 19.33 -2.66 -0.28
N ALA C 76 19.63 -3.97 -0.24
CA ALA C 76 20.97 -4.53 -0.52
C ALA C 76 20.87 -5.58 -1.64
N PRO C 77 20.78 -5.14 -2.90
CA PRO C 77 20.56 -6.04 -4.04
C PRO C 77 21.54 -7.20 -4.24
N SER C 78 22.82 -7.05 -3.94
CA SER C 78 23.83 -8.10 -4.24
C SER C 78 24.18 -8.87 -2.97
N ALA C 79 23.35 -8.80 -1.92
CA ALA C 79 23.59 -9.52 -0.66
C ALA C 79 23.36 -11.03 -0.88
N SER C 80 24.16 -11.87 -0.23
CA SER C 80 24.03 -13.34 -0.22
C SER C 80 23.04 -13.70 0.87
N LEU C 81 21.82 -14.08 0.49
CA LEU C 81 20.75 -14.48 1.42
C LEU C 81 20.90 -15.98 1.73
N TYR C 82 20.82 -16.35 2.99
CA TYR C 82 20.73 -17.75 3.43
C TYR C 82 19.34 -17.96 4.00
N ALA C 83 18.62 -18.97 3.49
CA ALA C 83 17.26 -19.32 3.94
C ALA C 83 17.39 -20.21 5.17
N VAL C 84 17.15 -19.65 6.36
CA VAL C 84 17.23 -20.44 7.62
C VAL C 84 15.81 -20.66 8.11
N LYS C 85 15.25 -21.85 7.92
CA LYS C 85 13.80 -22.07 8.09
C LYS C 85 13.58 -22.58 9.50
N VAL C 86 12.98 -21.76 10.34
CA VAL C 86 12.70 -22.10 11.76
C VAL C 86 11.20 -22.01 12.01
N LEU C 87 10.41 -21.62 10.99
CA LEU C 87 8.92 -21.47 11.05
C LEU C 87 8.31 -22.39 9.98
N GLY C 88 7.22 -23.07 10.33
CA GLY C 88 6.50 -24.00 9.43
C GLY C 88 5.54 -23.27 8.50
N ALA C 89 4.71 -24.04 7.79
CA ALA C 89 3.65 -23.56 6.87
C ALA C 89 2.72 -22.55 7.58
N ASP C 90 2.38 -22.79 8.84
CA ASP C 90 1.37 -21.98 9.57
C ASP C 90 1.99 -20.65 10.01
N GLY C 91 3.31 -20.50 9.88
CA GLY C 91 4.03 -19.26 10.26
C GLY C 91 4.43 -19.18 11.73
N SER C 92 4.28 -20.27 12.49
CA SER C 92 4.74 -20.37 13.90
C SER C 92 5.89 -21.37 13.99
N GLY C 93 6.65 -21.33 15.08
CA GLY C 93 7.81 -22.23 15.33
C GLY C 93 8.21 -22.27 16.80
N GLN C 94 8.70 -23.41 17.27
CA GLN C 94 9.17 -23.56 18.66
C GLN C 94 10.43 -22.70 18.84
N TYR C 95 10.67 -22.22 20.07
CA TYR C 95 11.91 -21.50 20.44
C TYR C 95 13.10 -22.41 20.10
N SER C 96 12.98 -23.72 20.34
CA SER C 96 14.11 -24.66 20.13
C SER C 96 14.54 -24.63 18.66
N TRP C 97 13.57 -24.53 17.73
CA TRP C 97 13.85 -24.48 16.27
C TRP C 97 14.55 -23.15 15.93
N ILE C 98 14.05 -22.04 16.45
CA ILE C 98 14.59 -20.69 16.16
C ILE C 98 16.02 -20.64 16.67
N ILE C 99 16.24 -21.11 17.90
CA ILE C 99 17.60 -21.21 18.52
C ILE C 99 18.50 -22.08 17.63
N ASN C 100 18.00 -23.18 17.09
CA ASN C 100 18.81 -24.02 16.17
C ASN C 100 19.25 -23.17 14.97
N GLY C 101 18.32 -22.41 14.37
CA GLY C 101 18.62 -21.43 13.31
C GLY C 101 19.73 -20.45 13.69
N ILE C 102 19.65 -19.87 14.88
CA ILE C 102 20.65 -18.87 15.33
C ILE C 102 22.00 -19.59 15.46
N GLU C 103 22.05 -20.78 16.06
CA GLU C 103 23.32 -21.56 16.25
C GLU C 103 23.91 -21.85 14.85
N TRP C 104 23.05 -22.18 13.88
CA TRP C 104 23.47 -22.42 12.47
C TRP C 104 24.13 -21.15 11.89
N ALA C 105 23.49 -20.00 12.06
CA ALA C 105 23.98 -18.72 11.52
C ALA C 105 25.38 -18.42 12.09
N ILE C 106 25.57 -18.68 13.38
CA ILE C 106 26.89 -18.49 14.07
C ILE C 106 27.92 -19.43 13.44
N ALA C 107 27.61 -20.71 13.24
CA ALA C 107 28.55 -21.73 12.72
C ALA C 107 28.91 -21.47 11.25
N ASN C 108 28.07 -20.78 10.47
CA ASN C 108 28.26 -20.61 9.00
C ASN C 108 28.62 -19.15 8.70
N ASN C 109 29.03 -18.42 9.75
CA ASN C 109 29.73 -17.12 9.66
C ASN C 109 28.86 -16.11 8.95
N MET C 110 27.56 -16.06 9.27
CA MET C 110 26.63 -15.01 8.82
C MET C 110 27.10 -13.69 9.40
N ASP C 111 27.09 -12.63 8.58
CA ASP C 111 27.45 -11.25 8.98
C ASP C 111 26.25 -10.56 9.63
N VAL C 112 25.04 -10.85 9.14
CA VAL C 112 23.74 -10.24 9.57
C VAL C 112 22.67 -11.34 9.75
N ILE C 113 21.87 -11.28 10.81
CA ILE C 113 20.67 -12.15 11.02
C ILE C 113 19.46 -11.20 11.00
N ASN C 114 18.44 -11.52 10.20
CA ASN C 114 17.13 -10.81 10.19
C ASN C 114 16.10 -11.77 10.77
N MET C 115 15.45 -11.37 11.85
CA MET C 115 14.37 -12.18 12.46
C MET C 115 13.12 -11.31 12.43
N SER C 116 12.34 -11.41 11.36
CA SER C 116 11.03 -10.70 11.27
C SER C 116 9.96 -11.56 11.96
N LEU C 117 10.22 -11.96 13.19
CA LEU C 117 9.41 -12.94 13.94
C LEU C 117 9.50 -12.62 15.44
N GLY C 118 8.53 -13.11 16.20
CA GLY C 118 8.63 -13.13 17.67
C GLY C 118 7.26 -13.31 18.30
N GLY C 119 7.26 -13.36 19.63
CA GLY C 119 6.10 -13.65 20.50
C GLY C 119 6.24 -12.87 21.81
N PRO C 120 5.18 -12.91 22.65
CA PRO C 120 5.09 -12.06 23.84
C PRO C 120 5.97 -12.48 25.03
N SER C 121 6.48 -13.73 25.03
CA SER C 121 7.41 -14.30 26.04
C SER C 121 8.79 -14.57 25.45
N GLY C 122 9.81 -14.57 26.31
CA GLY C 122 11.18 -14.98 26.00
C GLY C 122 11.50 -16.34 26.58
N SER C 123 12.80 -16.62 26.74
CA SER C 123 13.36 -17.83 27.36
C SER C 123 14.84 -17.52 27.59
N ALA C 124 15.44 -18.08 28.66
CA ALA C 124 16.88 -17.93 28.94
C ALA C 124 17.67 -18.47 27.74
N ALA C 125 17.21 -19.58 27.13
CA ALA C 125 17.82 -20.27 25.96
C ALA C 125 17.81 -19.36 24.72
N LEU C 126 16.70 -18.63 24.51
CA LEU C 126 16.55 -17.71 23.35
C LEU C 126 17.53 -16.55 23.51
N LYS C 127 17.50 -15.91 24.68
CA LYS C 127 18.38 -14.77 25.01
C LYS C 127 19.85 -15.23 24.91
N ALA C 128 20.17 -16.39 25.46
CA ALA C 128 21.53 -16.95 25.42
C ALA C 128 22.00 -17.05 23.97
N ALA C 129 21.17 -17.54 23.05
CA ALA C 129 21.53 -17.76 21.63
C ALA C 129 21.76 -16.41 20.92
N VAL C 130 20.85 -15.47 21.14
CA VAL C 130 20.89 -14.15 20.47
C VAL C 130 22.16 -13.40 20.94
N ASP C 131 22.43 -13.42 22.25
CA ASP C 131 23.63 -12.80 22.89
C ASP C 131 24.90 -13.48 22.36
N LYS C 132 24.90 -14.82 22.32
CA LYS C 132 26.03 -15.60 21.74
C LYS C 132 26.29 -15.15 20.30
N ALA C 133 25.27 -14.98 19.47
CA ALA C 133 25.44 -14.46 18.09
C ALA C 133 26.10 -13.09 18.14
N VAL C 134 25.69 -12.19 19.04
CA VAL C 134 26.23 -10.80 19.05
C VAL C 134 27.68 -10.83 19.56
N ALA C 135 27.99 -11.74 20.46
CA ALA C 135 29.38 -11.95 20.95
C ALA C 135 30.25 -12.45 19.78
N SER C 136 29.68 -13.30 18.94
CA SER C 136 30.29 -13.96 17.76
C SER C 136 30.63 -12.96 16.69
N GLY C 137 29.94 -11.81 16.68
CA GLY C 137 30.19 -10.74 15.69
C GLY C 137 29.05 -10.52 14.70
N VAL C 138 27.91 -11.24 14.84
CA VAL C 138 26.68 -11.10 13.99
C VAL C 138 25.90 -9.84 14.40
N VAL C 139 25.48 -9.04 13.42
CA VAL C 139 24.50 -7.94 13.60
C VAL C 139 23.13 -8.59 13.66
N VAL C 140 22.46 -8.58 14.82
CA VAL C 140 21.12 -9.22 14.97
C VAL C 140 20.08 -8.11 14.96
N VAL C 141 19.17 -8.21 13.98
CA VAL C 141 18.02 -7.28 13.71
C VAL C 141 16.72 -8.06 13.85
N ALA C 142 15.71 -7.46 14.49
CA ALA C 142 14.39 -8.07 14.64
C ALA C 142 13.28 -7.02 14.64
N ALA C 143 12.12 -7.40 14.07
CA ALA C 143 10.86 -6.61 14.12
C ALA C 143 10.47 -6.41 15.58
N ALA C 144 10.10 -5.18 15.92
CA ALA C 144 9.75 -4.79 17.30
C ALA C 144 8.40 -5.42 17.64
N GLY C 145 7.58 -5.69 16.62
CA GLY C 145 6.22 -6.22 16.82
C GLY C 145 5.14 -5.26 16.35
N ASN C 146 3.92 -5.77 16.20
CA ASN C 146 2.73 -5.05 15.68
C ASN C 146 1.65 -5.02 16.76
N SER C 147 2.02 -4.79 18.02
CA SER C 147 1.10 -4.80 19.20
C SER C 147 0.63 -3.40 19.60
N GLY C 148 1.08 -2.35 18.92
CA GLY C 148 0.70 -0.96 19.24
C GLY C 148 1.05 -0.60 20.67
N THR C 149 0.46 0.50 21.19
CA THR C 149 0.74 1.06 22.54
C THR C 149 -0.13 0.37 23.57
N SER C 150 0.29 0.36 24.83
CA SER C 150 -0.49 -0.15 25.98
C SER C 150 -0.08 0.62 27.23
N GLY C 151 -0.58 1.86 27.34
CA GLY C 151 -0.18 2.79 28.40
C GLY C 151 1.32 2.95 28.38
N SER C 152 1.98 2.80 29.52
CA SER C 152 3.45 2.99 29.66
C SER C 152 4.15 1.61 29.70
N SER C 153 3.47 0.52 29.35
CA SER C 153 4.12 -0.81 29.20
C SER C 153 4.81 -0.92 27.84
N SER C 154 5.96 -1.59 27.83
CA SER C 154 6.61 -2.13 26.61
C SER C 154 5.68 -3.16 25.97
N THR C 155 5.43 -3.06 24.66
CA THR C 155 4.69 -4.05 23.85
C THR C 155 5.64 -4.73 22.84
N VAL C 156 6.94 -4.50 22.96
CA VAL C 156 7.98 -5.08 22.06
C VAL C 156 8.00 -6.59 22.30
N SER C 157 8.06 -7.37 21.22
CA SER C 157 8.18 -8.84 21.28
C SER C 157 9.64 -9.28 21.45
N TYR C 158 9.79 -10.52 21.88
CA TYR C 158 11.06 -11.27 21.95
C TYR C 158 11.25 -11.89 20.57
N PRO C 159 12.49 -11.99 20.02
CA PRO C 159 13.71 -11.53 20.68
C PRO C 159 14.07 -10.03 20.56
N ALA C 160 13.26 -9.19 19.90
CA ALA C 160 13.63 -7.77 19.64
C ALA C 160 13.84 -7.02 20.96
N LYS C 161 13.12 -7.43 21.98
CA LYS C 161 13.14 -6.81 23.31
C LYS C 161 14.53 -6.95 23.98
N TYR C 162 15.35 -7.93 23.61
CA TYR C 162 16.70 -8.11 24.21
C TYR C 162 17.59 -6.93 23.88
N PRO C 163 18.38 -6.39 24.83
CA PRO C 163 19.28 -5.28 24.56
C PRO C 163 20.38 -5.61 23.52
N SER C 164 20.76 -6.89 23.37
CA SER C 164 21.78 -7.34 22.39
C SER C 164 21.26 -7.27 20.94
N VAL C 165 19.97 -7.02 20.74
CA VAL C 165 19.29 -7.03 19.41
C VAL C 165 18.88 -5.60 19.03
N ILE C 166 18.87 -5.32 17.72
CA ILE C 166 18.36 -4.05 17.13
C ILE C 166 16.84 -4.21 16.88
N ALA C 167 16.03 -3.69 17.78
CA ALA C 167 14.56 -3.74 17.67
C ALA C 167 14.11 -2.64 16.72
N VAL C 168 13.33 -2.97 15.69
CA VAL C 168 12.97 -2.04 14.58
C VAL C 168 11.45 -1.84 14.57
N GLY C 169 11.02 -0.60 14.71
CA GLY C 169 9.62 -0.17 14.55
C GLY C 169 9.40 0.48 13.21
N ALA C 170 8.14 0.73 12.85
CA ALA C 170 7.70 1.07 11.48
C ALA C 170 7.16 2.50 11.44
N VAL C 171 7.68 3.30 10.51
CA VAL C 171 7.10 4.60 10.08
C VAL C 171 6.55 4.50 8.65
N ASP C 172 5.77 5.50 8.26
CA ASP C 172 5.24 5.72 6.88
C ASP C 172 6.19 6.64 6.11
N SER C 173 5.76 7.13 4.93
CA SER C 173 6.50 8.07 4.03
C SER C 173 6.85 9.38 4.74
N SER C 174 6.15 9.73 5.81
CA SER C 174 6.25 11.04 6.52
C SER C 174 6.99 10.86 7.84
N ASN C 175 7.54 9.66 8.10
CA ASN C 175 8.31 9.30 9.32
C ASN C 175 7.40 9.35 10.54
N GLN C 176 6.08 9.18 10.35
CA GLN C 176 5.04 9.03 11.41
C GLN C 176 5.03 7.55 11.83
N ARG C 177 5.11 7.28 13.14
CA ARG C 177 4.92 5.93 13.73
C ARG C 177 3.60 5.38 13.20
N ALA C 178 3.57 4.15 12.70
CA ALA C 178 2.32 3.43 12.38
C ALA C 178 1.59 3.16 13.68
N PRO C 179 0.25 3.27 13.77
CA PRO C 179 -0.42 3.12 15.06
C PRO C 179 -0.19 1.74 15.72
N TRP C 180 0.12 0.71 14.92
CA TRP C 180 0.24 -0.70 15.38
C TRP C 180 1.70 -1.06 15.71
N SER C 181 2.67 -0.20 15.38
CA SER C 181 4.13 -0.39 15.64
C SER C 181 4.37 -0.46 17.16
N SER C 182 4.96 -1.55 17.65
CA SER C 182 5.18 -1.82 19.09
C SER C 182 6.07 -0.73 19.70
N VAL C 183 6.04 -0.58 21.01
CA VAL C 183 6.67 0.57 21.71
C VAL C 183 7.31 0.11 23.03
N GLY C 184 8.23 0.89 23.55
CA GLY C 184 8.92 0.58 24.81
C GLY C 184 10.37 1.07 24.80
N PRO C 185 11.05 1.00 25.97
CA PRO C 185 12.44 1.46 26.06
C PRO C 185 13.40 0.60 25.21
N GLU C 186 13.00 -0.61 24.79
CA GLU C 186 13.87 -1.56 24.02
C GLU C 186 13.83 -1.21 22.53
N LEU C 187 12.90 -0.33 22.11
CA LEU C 187 12.75 0.05 20.69
C LEU C 187 13.98 0.87 20.31
N ASP C 188 14.69 0.51 19.23
CA ASP C 188 16.05 1.06 18.94
C ASP C 188 16.02 2.04 17.77
N VAL C 189 15.47 1.62 16.63
CA VAL C 189 15.35 2.51 15.43
C VAL C 189 14.02 2.24 14.75
N MET C 190 13.68 3.13 13.81
CA MET C 190 12.51 3.00 12.93
C MET C 190 12.99 2.87 11.49
N ALA C 191 12.23 2.21 10.63
CA ALA C 191 12.47 2.17 9.18
C ALA C 191 11.11 2.04 8.50
N PRO C 192 11.03 2.27 7.18
CA PRO C 192 9.77 2.21 6.46
C PRO C 192 9.10 0.84 6.62
N GLY C 193 7.80 0.84 6.96
CA GLY C 193 7.01 -0.40 7.11
C GLY C 193 5.56 -0.26 6.65
N VAL C 194 5.24 0.71 5.78
CA VAL C 194 3.86 1.00 5.31
C VAL C 194 3.86 0.81 3.79
N SER C 195 2.89 0.06 3.24
CA SER C 195 2.64 -0.14 1.79
C SER C 195 3.98 -0.40 1.04
N ILE C 196 4.71 -1.41 1.51
CA ILE C 196 6.00 -1.90 0.94
C ILE C 196 5.65 -2.91 -0.17
N CYS C 197 6.09 -2.64 -1.40
CA CYS C 197 5.81 -3.45 -2.63
C CYS C 197 6.00 -4.95 -2.38
N SER C 198 5.04 -5.79 -2.74
CA SER C 198 5.28 -7.25 -2.82
C SER C 198 5.56 -7.64 -4.28
N THR C 199 6.31 -8.72 -4.50
CA THR C 199 6.68 -9.22 -5.86
C THR C 199 6.08 -10.62 -6.12
N LEU C 200 5.36 -11.21 -5.15
CA LEU C 200 4.54 -12.44 -5.39
C LEU C 200 3.13 -12.08 -5.86
N PRO C 201 2.62 -12.76 -6.90
CA PRO C 201 1.34 -12.40 -7.50
C PRO C 201 0.25 -12.52 -6.42
N GLY C 202 -0.92 -11.90 -6.63
CA GLY C 202 -2.04 -11.91 -5.64
C GLY C 202 -3.27 -11.22 -6.16
N ASN C 203 -4.32 -11.10 -5.35
CA ASN C 203 -5.62 -10.50 -5.76
C ASN C 203 -5.77 -9.08 -5.16
N LYS C 204 -4.90 -8.66 -4.23
CA LYS C 204 -4.73 -7.26 -3.73
C LYS C 204 -3.47 -6.66 -4.37
N ALA C 207 1.13 -4.58 -1.54
CA ALA C 207 1.87 -3.85 -0.47
C ALA C 207 1.57 -4.45 0.92
N HIS C 208 2.60 -5.01 1.58
CA HIS C 208 2.68 -5.43 3.01
C HIS C 208 2.78 -4.17 3.90
N SER C 209 2.14 -4.13 5.07
CA SER C 209 2.48 -3.18 6.17
C SER C 209 2.94 -3.98 7.39
N GLY C 210 3.87 -3.45 8.19
CA GLY C 210 4.27 -4.09 9.47
C GLY C 210 5.70 -3.75 9.89
N THR C 211 6.08 -4.18 11.09
CA THR C 211 7.48 -4.03 11.55
C THR C 211 8.37 -5.06 10.86
N CSO C 212 7.80 -6.12 10.25
CA CSO C 212 8.58 -7.05 9.43
CB CSO C 212 7.75 -8.27 8.88
SG CSO C 212 8.19 -9.05 7.27
C CSO C 212 9.28 -6.30 8.31
O CSO C 212 10.51 -6.29 8.25
OD CSO C 212 7.20 -9.02 5.91
N PRO C 213 8.57 -5.60 7.38
CA PRO C 213 9.26 -4.83 6.33
C PRO C 213 10.18 -3.76 6.90
N ALA C 214 9.83 -3.12 8.02
CA ALA C 214 10.72 -2.15 8.68
C ALA C 214 12.08 -2.82 8.97
N SER C 215 12.07 -4.00 9.58
CA SER C 215 13.30 -4.69 10.03
C SER C 215 14.07 -5.19 8.81
N ASN C 216 13.35 -5.60 7.77
CA ASN C 216 13.94 -6.03 6.48
C ASN C 216 14.86 -4.91 5.98
N HIS C 217 14.42 -3.64 6.01
CA HIS C 217 15.21 -2.46 5.56
C HIS C 217 16.49 -2.35 6.39
N VAL C 218 16.41 -2.58 7.70
CA VAL C 218 17.58 -2.38 8.60
C VAL C 218 18.60 -3.48 8.32
N ALA C 219 18.18 -4.74 8.13
CA ALA C 219 19.10 -5.85 7.85
C ALA C 219 19.81 -5.55 6.53
N GLY C 220 19.04 -5.17 5.50
CA GLY C 220 19.59 -4.64 4.24
C GLY C 220 20.64 -3.52 4.49
N ALA C 221 20.33 -2.55 5.34
CA ALA C 221 21.20 -1.39 5.62
C ALA C 221 22.52 -1.88 6.23
N ALA C 222 22.46 -2.89 7.10
CA ALA C 222 23.65 -3.45 7.77
C ALA C 222 24.56 -4.08 6.71
N ALA C 223 23.98 -4.79 5.74
CA ALA C 223 24.71 -5.42 4.62
C ALA C 223 25.33 -4.33 3.74
N LEU C 224 24.65 -3.20 3.53
CA LEU C 224 25.20 -2.05 2.78
C LEU C 224 26.38 -1.45 3.55
N ILE C 225 26.30 -1.37 4.88
CA ILE C 225 27.39 -0.76 5.71
C ILE C 225 28.61 -1.68 5.65
N LEU C 226 28.41 -3.01 5.73
CA LEU C 226 29.52 -4.02 5.72
C LEU C 226 30.10 -4.18 4.29
N SER C 227 29.35 -3.85 3.24
CA SER C 227 29.86 -3.76 1.85
C SER C 227 31.03 -2.80 1.81
N LYS C 228 30.84 -1.67 2.48
CA LYS C 228 31.71 -0.47 2.39
C LYS C 228 32.82 -0.59 3.45
N HIS C 229 32.47 -1.02 4.66
CA HIS C 229 33.38 -1.24 5.80
C HIS C 229 33.33 -2.72 6.16
N PRO C 230 33.96 -3.61 5.36
CA PRO C 230 33.87 -5.04 5.62
C PRO C 230 34.61 -5.40 6.91
N ASN C 231 35.50 -4.55 7.41
CA ASN C 231 36.30 -4.80 8.65
C ASN C 231 35.61 -4.20 9.89
N TRP C 232 34.47 -3.55 9.77
CA TRP C 232 33.70 -3.01 10.91
C TRP C 232 33.09 -4.18 11.70
N THR C 233 33.05 -4.07 13.02
CA THR C 233 32.41 -5.07 13.91
C THR C 233 30.90 -4.80 13.98
N ASN C 234 30.12 -5.74 14.48
CA ASN C 234 28.66 -5.55 14.66
C ASN C 234 28.43 -4.35 15.57
N THR C 235 29.28 -4.15 16.58
CA THR C 235 29.16 -3.00 17.51
C THR C 235 29.17 -1.73 16.64
N GLN C 236 30.19 -1.58 15.78
CA GLN C 236 30.38 -0.38 14.92
C GLN C 236 29.18 -0.23 13.97
N VAL C 237 28.74 -1.29 13.30
CA VAL C 237 27.55 -1.24 12.40
C VAL C 237 26.37 -0.76 13.24
N ARG C 238 26.18 -1.29 14.44
CA ARG C 238 25.01 -0.88 15.26
C ARG C 238 25.15 0.57 15.71
N SER C 239 26.31 1.03 16.22
CA SER C 239 26.53 2.45 16.60
C SER C 239 26.22 3.34 15.38
N SER C 240 26.73 2.99 14.20
CA SER C 240 26.60 3.83 12.98
C SER C 240 25.11 4.07 12.73
N LEU C 241 24.28 3.03 12.86
CA LEU C 241 22.83 3.13 12.59
C LEU C 241 22.15 4.00 13.64
N GLU C 242 22.47 3.82 14.91
CA GLU C 242 21.80 4.51 16.04
C GLU C 242 22.28 5.97 16.15
N ASN C 243 23.57 6.24 15.94
CA ASN C 243 24.14 7.57 16.22
C ASN C 243 23.84 8.54 15.07
N THR C 244 23.47 8.05 13.89
CA THR C 244 23.26 8.88 12.67
C THR C 244 21.77 8.86 12.28
N ALA C 245 20.93 8.23 13.08
CA ALA C 245 19.47 8.19 12.85
C ALA C 245 18.95 9.61 12.79
N THR C 246 17.95 9.87 11.96
CA THR C 246 17.17 11.12 11.97
C THR C 246 16.21 11.06 13.15
N LYS C 247 16.38 11.95 14.12
CA LYS C 247 15.54 12.05 15.34
C LYS C 247 14.11 12.31 14.92
N LEU C 248 13.19 11.56 15.51
CA LEU C 248 11.73 11.76 15.36
C LEU C 248 11.20 12.11 16.75
N GLY C 249 10.12 11.48 17.20
CA GLY C 249 9.46 11.76 18.50
C GLY C 249 10.19 11.17 19.69
N ASP C 250 9.52 11.07 20.85
CA ASP C 250 10.03 10.45 22.10
C ASP C 250 10.56 9.05 21.77
N SER C 251 11.59 8.60 22.49
CA SER C 251 12.32 7.33 22.19
C SER C 251 11.47 6.11 22.59
N PHE C 252 10.49 6.26 23.49
CA PHE C 252 9.53 5.20 23.84
C PHE C 252 8.84 4.71 22.57
N TYR C 253 8.51 5.64 21.67
CA TYR C 253 7.62 5.44 20.49
C TYR C 253 8.45 5.26 19.21
N TYR C 254 9.60 5.93 19.10
CA TYR C 254 10.43 6.06 17.87
C TYR C 254 11.87 5.57 18.08
N GLY C 255 12.31 5.20 19.30
CA GLY C 255 13.75 5.08 19.62
C GLY C 255 14.57 6.22 19.01
N LYS C 256 15.71 5.92 18.39
CA LYS C 256 16.69 6.94 17.90
C LYS C 256 16.12 7.70 16.70
N GLY C 257 15.21 7.07 15.98
CA GLY C 257 14.58 7.66 14.80
C GLY C 257 14.77 6.85 13.54
N LEU C 258 14.65 7.53 12.42
CA LEU C 258 14.73 6.86 11.09
C LEU C 258 16.19 6.58 10.79
N ILE C 259 16.51 5.33 10.42
CA ILE C 259 17.89 4.98 9.97
C ILE C 259 18.20 5.78 8.69
N ASN C 260 19.45 6.20 8.54
CA ASN C 260 20.00 6.91 7.37
C ASN C 260 21.31 6.20 7.02
N VAL C 261 21.24 5.17 6.20
CA VAL C 261 22.40 4.27 5.89
C VAL C 261 23.50 5.10 5.18
N GLU C 262 23.14 6.23 4.55
CA GLU C 262 24.12 7.14 3.92
C GLU C 262 25.02 7.72 5.01
N ALA C 263 24.42 8.38 6.00
CA ALA C 263 25.12 9.00 7.14
C ALA C 263 25.83 7.94 7.96
N ALA C 264 25.25 6.73 8.06
CA ALA C 264 25.73 5.61 8.87
C ALA C 264 27.07 5.09 8.32
N ALA C 265 27.17 4.97 7.00
CA ALA C 265 28.34 4.43 6.27
C ALA C 265 29.47 5.47 6.13
N GLN C 266 29.29 6.69 6.63
CA GLN C 266 30.32 7.78 6.62
C GLN C 266 30.96 7.91 8.00
N HIS C 267 30.22 7.55 9.07
CA HIS C 267 30.52 7.69 10.54
C HIS C 267 32.00 7.36 10.88
N HIS C 268 32.88 8.37 10.96
CA HIS C 268 34.33 8.20 11.32
C HIS C 268 34.44 8.25 12.86
N HIS C 269 33.80 7.26 13.52
CA HIS C 269 33.81 6.98 14.99
C HIS C 269 34.94 7.76 15.69
N GLY D 4 5.42 -22.16 24.72
CA GLY D 4 6.49 -21.40 24.04
C GLY D 4 6.55 -21.67 22.54
N SER D 5 5.89 -20.83 21.73
CA SER D 5 6.00 -20.82 20.23
C SER D 5 5.64 -19.46 19.60
N PRO D 6 6.66 -18.59 19.32
CA PRO D 6 6.56 -17.46 18.38
C PRO D 6 6.12 -17.65 16.92
N VAL D 7 5.34 -16.68 16.47
CA VAL D 7 4.70 -16.59 15.13
C VAL D 7 5.58 -15.67 14.26
N THR D 8 5.03 -15.16 13.17
CA THR D 8 5.60 -14.11 12.30
C THR D 8 4.96 -12.75 12.62
N LEU D 9 5.61 -11.65 12.21
CA LEU D 9 5.17 -10.23 12.42
C LEU D 9 5.13 -9.57 11.05
N ASP D 10 4.20 -8.63 10.85
CA ASP D 10 3.47 -8.40 9.57
C ASP D 10 2.99 -9.76 9.07
C1 GOL E . -17.44 30.20 11.90
O1 GOL E . -17.19 29.77 13.24
C2 GOL E . -16.53 31.33 11.47
O2 GOL E . -16.63 31.56 10.06
C3 GOL E . -16.82 32.60 12.24
O3 GOL E . -16.18 33.73 11.65
O1 TAR F . -7.20 -7.88 -9.47
O11 TAR F . -8.28 -9.29 -8.26
C1 TAR F . -8.15 -8.13 -8.69
C2 TAR F . -8.96 -6.92 -8.10
O2 TAR F . -9.81 -6.36 -9.13
C3 TAR F . -9.71 -7.13 -6.73
O3 TAR F . -11.15 -6.95 -6.73
C4 TAR F . -9.28 -6.28 -5.55
O4 TAR F . -8.69 -5.17 -5.64
O41 TAR F . -9.59 -6.77 -4.43
C1 GOL G . -8.71 -28.87 -21.20
O1 GOL G . -7.35 -29.10 -20.82
C2 GOL G . -9.12 -29.72 -22.40
O2 GOL G . -10.20 -30.58 -22.04
C3 GOL G . -9.47 -28.91 -23.62
O3 GOL G . -10.82 -28.46 -23.59
C1 GOL H . -8.94 -25.46 7.66
O1 GOL H . -8.11 -26.52 7.20
C2 GOL H . -8.47 -24.10 7.16
O2 GOL H . -7.13 -23.85 7.57
C3 GOL H . -8.57 -23.98 5.65
O3 GOL H . -8.79 -22.63 5.23
C1 GOL I . -29.68 -18.14 -33.51
O1 GOL I . -28.72 -17.13 -33.21
C2 GOL I . -29.03 -19.40 -34.04
O2 GOL I . -27.61 -19.27 -33.95
C3 GOL I . -29.49 -20.66 -33.33
O3 GOL I . -30.90 -20.88 -33.53
C1 GOL J . 0.35 6.42 -24.40
O1 GOL J . 1.52 7.20 -24.58
C2 GOL J . 0.20 5.33 -25.46
O2 GOL J . 1.42 4.59 -25.60
C3 GOL J . -0.23 5.87 -26.81
O3 GOL J . -1.61 5.63 -27.05
C1 GOL K . -7.70 -24.33 -34.56
O1 GOL K . -8.37 -24.09 -33.32
C2 GOL K . -6.20 -24.23 -34.40
O2 GOL K . -5.74 -25.34 -33.63
C3 GOL K . -5.47 -24.16 -35.73
O3 GOL K . -5.67 -25.35 -36.50
O1 TAR L . 9.91 -28.59 3.33
O11 TAR L . 7.72 -28.64 3.35
C1 TAR L . 8.82 -29.17 3.13
C2 TAR L . 8.78 -30.56 2.56
O2 TAR L . 8.28 -30.45 1.23
C3 TAR L . 10.14 -31.29 2.57
O3 TAR L . 10.64 -31.62 1.26
C4 TAR L . 9.93 -32.55 3.36
O4 TAR L . 9.74 -32.46 4.60
O41 TAR L . 9.92 -33.64 2.75
C1 GOL M . 30.23 -14.39 13.02
O1 GOL M . 29.51 -15.57 12.70
C2 GOL M . 30.69 -13.64 11.78
O2 GOL M . 31.58 -14.45 11.01
C3 GOL M . 31.37 -12.33 12.12
O3 GOL M . 32.15 -11.85 11.02
C1 GOL N . -0.46 -6.54 10.99
O1 GOL N . -0.85 -6.94 12.30
C2 GOL N . -1.28 -5.37 10.50
O2 GOL N . -0.90 -4.20 11.22
C3 GOL N . -1.18 -5.14 9.01
O3 GOL N . -0.42 -3.98 8.71
#